data_7LV8
#
_entry.id   7LV8
#
_cell.length_a   1.00
_cell.length_b   1.00
_cell.length_c   1.00
_cell.angle_alpha   90.00
_cell.angle_beta   90.00
_cell.angle_gamma   90.00
#
_symmetry.space_group_name_H-M   'P 1'
#
loop_
_entity.id
_entity.type
_entity.pdbx_description
1 polymer 'Histone doublet Delta-Gamma (Delta)'
2 polymer 'Histone doublet Delta-Gamma (Gamma)'
3 polymer 'Histone doublet Beta-Alpha (Beta)'
4 polymer 'Histone doublet Beta-Alpha (Alpha)'
5 polymer 'DNA (123-MER)'
6 polymer 'DNA (123-MER)'
#
loop_
_entity_poly.entity_id
_entity_poly.type
_entity_poly.pdbx_seq_one_letter_code
_entity_poly.pdbx_strand_id
1 'polypeptide(L)'
;LADHVSVGETQIPKASTQHLLRKAGSLSAAGDTEVPIRGFVHMKLHKLVQKSLLAMQLAKRKTIMKSDVKKAAELMHLPV
FAIPTKDSGAKGSVFLS
;
B,F
2 'polypeptide(L)'
;CRQKGAGSAGTGSETNSQEVRSQMRSTCLIIPKERFRTMAKEISKKEGHDVHIAEAALDMLQVIVESCTVRLLEKALVIT
YSGKRTRVTSKDIETAFMLEHGPLLE
;
A,E
3 'polypeptide(L)'
;MATQKETTRKRDKSVNFRLGLRNMLAQIHPDISVQTEALSELSNIAVFLGKKISHGAVTLLPEGTKTIKSSAVLLAAGDL
YGKDLGRHAVGEMTKAVTRYGSAK
;
D,H
4 'polypeptide(L)'
;ESKEGSRSSKAKLQISVARSERLLREHGGCSRVSEGAAVALAAAIEYFMGEVLELAGNAARDSKKVRISVKHITLAIQND
AALFAVVGKGVFSGAGVSLISVPIPRKKARKTTEKEASSPKKKAAPKKKKAASKQKKSLSDKELAKLTKKELAKYEKEQG
MSPGY
;
C,G
5 'polydeoxyribonucleotide'
;(DA)(DT)(DC)(DT)(DG)(DA)(DC)(DA)(DC)(DG)(DT)(DG)(DC)(DC)(DT)(DG)(DG)(DA)(DG)(DA)
(DC)(DT)(DA)(DG)(DG)(DG)(DA)(DG)(DT)(DA)(DA)(DT)(DC)(DC)(DC)(DC)(DT)(DT)(DG)(DG)
(DC)(DG)(DG)(DT)(DT)(DA)(DA)(DA)(DA)(DC)(DG)(DC)(DG)(DG)(DG)(DG)(DG)(DA)(DG)(DA)
(DA)(DT)(DC)(DC)(DG)(DT)(DA)(DC)(DG)(DT)(DG)(DC)(DG)(DT)(DT)(DT)(DA)(DA)(DG)(DC)
(DG)(DG)(DT)(DG)(DC)(DT)(DA)(DG)(DA)(DG)(DC)(DT)(DG)(DT)(DC)(DT)(DA)(DC)(DG)(DA)
(DC)(DC)(DA)(DA)(DT)(DT)(DG)(DA)(DG)(DC)(DG)(DG)(DC)(DC)(DT)(DC)(DG)(DG)(DC)(DA)
(DC)
;
I
6 'polydeoxyribonucleotide'
;(DG)(DT)(DG)(DC)(DC)(DG)(DA)(DG)(DG)(DC)(DC)(DG)(DC)(DT)(DC)(DA)(DA)(DT)(DT)(DG)
(DG)(DT)(DC)(DG)(DT)(DA)(DG)(DA)(DC)(DA)(DG)(DC)(DT)(DC)(DT)(DA)(DG)(DC)(DA)(DC)
(DC)(DG)(DC)(DT)(DT)(DA)(DA)(DA)(DC)(DG)(DC)(DA)(DC)(DG)(DT)(DA)(DC)(DG)(DG)(DA)
(DT)(DT)(DC)(DT)(DC)(DC)(DC)(DC)(DC)(DG)(DC)(DG)(DT)(DT)(DT)(DT)(DA)(DA)(DC)(DC)
(DG)(DC)(DC)(DA)(DA)(DG)(DG)(DG)(DG)(DA)(DT)(DT)(DA)(DC)(DT)(DC)(DC)(DC)(DT)(DA)
(DG)(DT)(DC)(DT)(DC)(DC)(DA)(DG)(DG)(DC)(DA)(DC)(DG)(DT)(DG)(DT)(DC)(DA)(DG)(DA)
(DT)
;
J
#
# COMPACT_ATOMS: atom_id res chain seq x y z
N LEU A 1 -12.25 17.53 1.77
CA LEU A 1 -12.50 17.68 3.19
C LEU A 1 -12.97 19.09 3.53
N ALA A 2 -12.04 20.05 3.51
CA ALA A 2 -12.37 21.42 3.86
C ALA A 2 -13.26 22.08 2.81
N ASP A 3 -12.89 21.96 1.54
CA ASP A 3 -13.56 22.65 0.45
C ASP A 3 -13.87 21.71 -0.70
N HIS A 4 -14.15 20.46 -0.40
CA HIS A 4 -14.55 19.51 -1.44
C HIS A 4 -16.06 19.48 -1.66
N VAL A 5 -16.82 20.25 -0.87
CA VAL A 5 -18.27 20.36 -1.06
C VAL A 5 -18.56 21.66 -1.81
N SER A 6 -19.50 21.60 -2.74
CA SER A 6 -19.88 22.76 -3.54
C SER A 6 -21.40 22.89 -3.54
N VAL A 7 -21.88 24.14 -3.50
CA VAL A 7 -23.31 24.40 -3.45
C VAL A 7 -23.91 24.16 -4.82
N GLY A 8 -24.92 23.28 -4.87
CA GLY A 8 -25.56 22.92 -6.13
C GLY A 8 -25.63 21.43 -6.34
N GLU A 9 -24.94 20.68 -5.49
CA GLU A 9 -24.86 19.23 -5.60
C GLU A 9 -25.51 18.59 -4.37
N THR A 10 -26.13 17.44 -4.59
CA THR A 10 -26.72 16.69 -3.47
C THR A 10 -25.63 16.12 -2.58
N GLN A 11 -25.84 16.20 -1.27
CA GLN A 11 -24.83 15.79 -0.29
C GLN A 11 -25.47 14.90 0.76
N ILE A 12 -24.62 14.39 1.65
CA ILE A 12 -25.05 13.49 2.73
C ILE A 12 -25.89 14.29 3.72
N PRO A 13 -27.03 13.76 4.18
CA PRO A 13 -27.84 14.49 5.16
C PRO A 13 -27.15 14.61 6.51
N LYS A 14 -27.56 15.63 7.27
CA LYS A 14 -26.87 15.98 8.51
C LYS A 14 -27.03 14.90 9.57
N ALA A 15 -28.20 14.26 9.66
CA ALA A 15 -28.37 13.19 10.64
C ALA A 15 -27.57 11.96 10.28
N SER A 16 -27.33 11.73 8.98
CA SER A 16 -26.48 10.62 8.57
C SER A 16 -25.01 10.91 8.88
N THR A 17 -24.64 12.19 8.94
CA THR A 17 -23.27 12.54 9.29
C THR A 17 -23.01 12.23 10.77
N GLN A 18 -24.03 12.42 11.61
CA GLN A 18 -23.90 12.17 13.03
C GLN A 18 -23.88 10.67 13.33
N HIS A 19 -24.59 9.88 12.53
CA HIS A 19 -24.60 8.43 12.74
C HIS A 19 -23.24 7.82 12.42
N LEU A 20 -22.47 8.48 11.54
CA LEU A 20 -21.11 8.02 11.26
C LEU A 20 -20.22 8.18 12.48
N LEU A 21 -20.45 9.22 13.27
CA LEU A 21 -19.64 9.45 14.47
C LEU A 21 -20.02 8.47 15.57
N ARG A 22 -21.29 8.05 15.60
CA ARG A 22 -21.74 7.10 16.62
C ARG A 22 -21.14 5.72 16.40
N LYS A 23 -20.97 5.32 15.14
CA LYS A 23 -20.35 4.03 14.85
C LYS A 23 -18.86 4.04 15.14
N ALA A 24 -18.23 5.21 15.19
CA ALA A 24 -16.83 5.33 15.56
C ALA A 24 -16.61 5.40 17.06
N GLY A 25 -17.68 5.42 17.85
CA GLY A 25 -17.57 5.46 19.29
C GLY A 25 -17.44 6.82 19.91
N SER A 26 -17.73 7.89 19.15
CA SER A 26 -17.63 9.25 19.67
C SER A 26 -18.85 9.58 20.51
N LEU A 27 -18.62 10.08 21.73
CA LEU A 27 -19.73 10.38 22.63
C LEU A 27 -20.26 11.79 22.43
N SER A 28 -19.43 12.71 21.94
CA SER A 28 -19.83 14.09 21.72
C SER A 28 -19.36 14.55 20.35
N ALA A 29 -20.21 15.30 19.65
CA ALA A 29 -19.93 15.75 18.30
C ALA A 29 -20.08 17.26 18.22
N ALA A 30 -19.15 17.91 17.52
CA ALA A 30 -19.25 19.35 17.32
C ALA A 30 -20.24 19.67 16.20
N GLY A 31 -20.72 20.91 16.21
CA GLY A 31 -21.67 21.35 15.21
C GLY A 31 -21.08 21.72 13.87
N ASP A 32 -19.76 21.85 13.78
CA ASP A 32 -19.08 22.12 12.52
C ASP A 32 -18.50 20.85 11.91
N THR A 33 -18.90 19.68 12.42
CA THR A 33 -18.34 18.42 11.97
C THR A 33 -18.99 17.94 10.67
N GLU A 34 -20.15 18.50 10.31
CA GLU A 34 -20.85 18.06 9.12
C GLU A 34 -20.10 18.44 7.84
N VAL A 35 -19.25 19.46 7.92
CA VAL A 35 -18.54 19.91 6.71
C VAL A 35 -17.38 18.99 6.33
N PRO A 36 -16.48 18.58 7.23
CA PRO A 36 -15.46 17.61 6.80
C PRO A 36 -16.01 16.23 6.50
N ILE A 37 -17.13 15.85 7.11
CA ILE A 37 -17.73 14.55 6.83
C ILE A 37 -18.28 14.52 5.41
N ARG A 38 -19.01 15.58 5.04
CA ARG A 38 -19.59 15.66 3.70
C ARG A 38 -18.51 15.73 2.64
N GLY A 39 -17.38 16.37 2.95
CA GLY A 39 -16.28 16.43 2.01
C GLY A 39 -15.63 15.08 1.77
N PHE A 40 -15.43 14.30 2.85
CA PHE A 40 -14.68 13.06 2.74
C PHE A 40 -15.47 11.97 2.03
N VAL A 41 -16.79 11.90 2.29
CA VAL A 41 -17.63 10.96 1.57
C VAL A 41 -17.72 11.35 0.10
N HIS A 42 -17.76 12.66 -0.17
CA HIS A 42 -17.77 13.15 -1.54
C HIS A 42 -16.43 12.92 -2.22
N MET A 43 -15.34 12.99 -1.46
CA MET A 43 -14.01 12.79 -2.03
C MET A 43 -13.77 11.32 -2.37
N LYS A 44 -14.20 10.42 -1.48
CA LYS A 44 -13.97 8.99 -1.70
C LYS A 44 -14.83 8.46 -2.83
N LEU A 45 -16.03 9.01 -2.99
CA LEU A 45 -16.88 8.59 -4.10
C LEU A 45 -16.39 9.18 -5.42
N HIS A 46 -15.84 10.40 -5.38
CA HIS A 46 -15.21 10.97 -6.57
C HIS A 46 -14.00 10.17 -6.99
N LYS A 47 -13.23 9.66 -6.02
CA LYS A 47 -12.07 8.83 -6.36
C LYS A 47 -12.53 7.48 -6.90
N LEU A 48 -13.56 6.89 -6.29
CA LEU A 48 -14.01 5.56 -6.69
C LEU A 48 -14.65 5.57 -8.08
N VAL A 49 -15.45 6.61 -8.39
CA VAL A 49 -16.12 6.68 -9.67
C VAL A 49 -15.11 6.95 -10.80
N GLN A 50 -14.12 7.81 -10.53
CA GLN A 50 -13.15 8.19 -11.56
C GLN A 50 -12.30 7.00 -12.00
N LYS A 51 -11.88 6.16 -11.05
CA LYS A 51 -11.14 4.95 -11.42
C LYS A 51 -12.05 3.95 -12.13
N SER A 52 -13.32 3.87 -11.71
CA SER A 52 -14.21 2.87 -12.28
C SER A 52 -14.69 3.24 -13.68
N LEU A 53 -14.80 4.55 -13.96
CA LEU A 53 -15.26 4.98 -15.28
C LEU A 53 -14.26 4.63 -16.37
N LEU A 54 -12.97 4.81 -16.10
CA LEU A 54 -11.96 4.48 -17.11
C LEU A 54 -11.77 2.98 -17.24
N ALA A 55 -12.18 2.22 -16.22
CA ALA A 55 -12.26 0.77 -16.38
C ALA A 55 -13.41 0.39 -17.30
N MET A 56 -14.47 1.20 -17.31
CA MET A 56 -15.61 0.95 -18.19
C MET A 56 -15.29 1.35 -19.63
N GLN A 57 -14.54 2.46 -19.80
CA GLN A 57 -14.22 2.95 -21.13
C GLN A 57 -13.34 1.97 -21.91
N LEU A 58 -12.39 1.34 -21.21
CA LEU A 58 -11.48 0.41 -21.88
C LEU A 58 -12.20 -0.88 -22.29
N ALA A 59 -13.23 -1.27 -21.56
CA ALA A 59 -14.01 -2.46 -21.88
C ALA A 59 -15.16 -2.18 -22.84
N LYS A 60 -15.32 -0.91 -23.26
CA LYS A 60 -16.34 -0.50 -24.24
C LYS A 60 -17.75 -0.84 -23.78
N ARG A 61 -18.06 -0.50 -22.52
CA ARG A 61 -19.39 -0.67 -21.97
C ARG A 61 -19.97 0.69 -21.59
N LYS A 62 -21.25 0.70 -21.25
CA LYS A 62 -21.94 1.92 -20.84
C LYS A 62 -22.54 1.86 -19.45
N THR A 63 -22.50 0.70 -18.79
CA THR A 63 -23.02 0.54 -17.44
C THR A 63 -21.87 0.14 -16.52
N ILE A 64 -21.77 0.79 -15.37
CA ILE A 64 -20.76 0.41 -14.38
C ILE A 64 -21.21 -0.87 -13.70
N MET A 65 -20.53 -1.97 -13.98
CA MET A 65 -20.85 -3.25 -13.37
C MET A 65 -20.04 -3.43 -12.09
N LYS A 66 -20.23 -4.59 -11.45
CA LYS A 66 -19.54 -4.85 -10.20
C LYS A 66 -18.07 -5.17 -10.43
N SER A 67 -17.70 -5.60 -11.64
CA SER A 67 -16.31 -5.90 -11.94
C SER A 67 -15.49 -4.62 -12.09
N ASP A 68 -16.12 -3.55 -12.61
CA ASP A 68 -15.41 -2.28 -12.77
C ASP A 68 -15.10 -1.63 -11.43
N VAL A 69 -16.04 -1.73 -10.48
CA VAL A 69 -15.79 -1.21 -9.14
C VAL A 69 -14.75 -2.05 -8.42
N LYS A 70 -14.79 -3.37 -8.62
CA LYS A 70 -13.83 -4.27 -7.99
C LYS A 70 -12.41 -4.01 -8.49
N LYS A 71 -12.26 -3.77 -9.80
CA LYS A 71 -10.95 -3.39 -10.32
C LYS A 71 -10.52 -2.02 -9.87
N ALA A 72 -11.48 -1.11 -9.64
CA ALA A 72 -11.15 0.18 -9.06
C ALA A 72 -10.75 0.04 -7.59
N ALA A 73 -11.31 -0.94 -6.87
CA ALA A 73 -10.97 -1.14 -5.48
C ALA A 73 -9.55 -1.69 -5.31
N GLU A 74 -9.17 -2.63 -6.16
CA GLU A 74 -7.83 -3.21 -6.10
C GLU A 74 -6.76 -2.31 -6.71
N LEU A 75 -7.16 -1.28 -7.46
CA LEU A 75 -6.19 -0.34 -8.00
C LEU A 75 -5.67 0.61 -6.93
N MET A 76 -6.45 0.87 -5.89
CA MET A 76 -6.00 1.66 -4.74
C MET A 76 -5.32 0.80 -3.67
N HIS A 77 -5.03 -0.46 -3.99
CA HIS A 77 -4.42 -1.42 -3.06
C HIS A 77 -5.26 -1.59 -1.80
N LEU A 78 -6.58 -1.61 -1.96
CA LEU A 78 -7.51 -1.79 -0.85
C LEU A 78 -8.31 -3.06 -1.08
N PRO A 79 -8.03 -4.14 -0.36
CA PRO A 79 -8.78 -5.38 -0.57
C PRO A 79 -10.20 -5.26 -0.05
N VAL A 80 -11.14 -5.85 -0.78
CA VAL A 80 -12.56 -5.80 -0.46
C VAL A 80 -13.08 -7.22 -0.40
N PHE A 81 -13.57 -7.64 0.77
CA PHE A 81 -14.15 -8.96 0.96
C PHE A 81 -15.66 -8.97 0.81
N ALA A 82 -16.27 -7.82 0.51
CA ALA A 82 -17.72 -7.72 0.34
C ALA A 82 -18.03 -7.73 -1.15
N ILE A 83 -18.35 -8.92 -1.67
CA ILE A 83 -18.68 -9.11 -3.07
C ILE A 83 -20.16 -9.45 -3.16
N PRO A 84 -20.99 -8.53 -3.65
CA PRO A 84 -22.44 -8.80 -3.73
C PRO A 84 -22.76 -9.74 -4.89
N THR A 85 -23.30 -10.91 -4.54
CA THR A 85 -23.75 -11.88 -5.52
C THR A 85 -25.26 -11.74 -5.72
N LYS A 86 -25.86 -12.69 -6.43
CA LYS A 86 -27.29 -12.66 -6.68
C LYS A 86 -28.13 -12.99 -5.45
N ASP A 87 -27.52 -13.54 -4.40
CA ASP A 87 -28.24 -13.89 -3.18
C ASP A 87 -28.22 -12.74 -2.18
N SER A 88 -27.64 -11.60 -2.55
CA SER A 88 -27.56 -10.45 -1.64
C SER A 88 -28.95 -9.88 -1.36
N GLY A 89 -29.08 -9.24 -0.21
CA GLY A 89 -30.34 -8.70 0.23
C GLY A 89 -31.20 -9.65 1.04
N ALA A 90 -30.60 -10.67 1.66
CA ALA A 90 -31.41 -11.72 2.26
C ALA A 90 -31.97 -11.30 3.61
N LYS A 91 -31.11 -11.12 4.61
CA LYS A 91 -31.57 -10.82 5.96
C LYS A 91 -30.39 -10.30 6.77
N GLY A 92 -30.46 -9.04 7.18
CA GLY A 92 -29.37 -8.44 7.94
C GLY A 92 -28.09 -8.34 7.15
N SER A 93 -28.20 -8.14 5.84
CA SER A 93 -27.03 -8.12 4.98
C SER A 93 -26.24 -6.83 5.18
N VAL A 94 -24.97 -6.88 4.77
CA VAL A 94 -24.08 -5.75 4.96
C VAL A 94 -24.27 -4.71 3.86
N PHE A 95 -24.99 -5.07 2.80
CA PHE A 95 -25.23 -4.16 1.68
C PHE A 95 -26.55 -3.40 1.80
N LEU A 96 -27.28 -3.58 2.90
CA LEU A 96 -28.55 -2.90 3.08
C LEU A 96 -28.36 -1.60 3.86
N SER A 97 -29.42 -0.80 3.90
CA SER A 97 -29.45 0.46 4.62
C SER A 97 -30.32 0.33 5.87
N CYS B 1 -30.32 1.40 6.66
CA CYS B 1 -31.12 1.42 7.89
C CYS B 1 -32.62 1.37 7.61
N ARG B 2 -33.09 2.11 6.61
CA ARG B 2 -34.52 2.15 6.27
C ARG B 2 -34.91 1.02 5.34
N GLN B 3 -33.98 0.20 4.90
CA GLN B 3 -34.28 -0.90 3.99
C GLN B 3 -35.07 -1.98 4.72
N LYS B 4 -35.99 -2.62 3.99
CA LYS B 4 -36.80 -3.68 4.56
C LYS B 4 -35.95 -4.91 4.85
N GLY B 5 -36.25 -5.57 5.98
CA GLY B 5 -35.56 -6.78 6.44
C GLY B 5 -34.06 -6.53 6.65
N ALA B 6 -33.74 -5.47 7.37
CA ALA B 6 -32.36 -5.13 7.72
C ALA B 6 -32.20 -5.13 9.23
N GLY B 7 -31.01 -5.53 9.68
CA GLY B 7 -30.71 -5.53 11.10
C GLY B 7 -30.33 -4.17 11.62
N SER B 8 -31.31 -3.27 11.72
CA SER B 8 -31.04 -1.90 12.13
C SER B 8 -30.73 -1.81 13.62
N ALA B 9 -31.49 -2.57 14.44
CA ALA B 9 -31.33 -2.68 15.89
C ALA B 9 -31.57 -1.37 16.63
N GLY B 10 -32.08 -0.35 15.93
CA GLY B 10 -32.44 0.88 16.61
C GLY B 10 -33.95 1.05 16.67
N THR B 11 -34.43 1.58 17.80
CA THR B 11 -35.86 1.72 18.05
C THR B 11 -36.24 3.19 18.20
N GLY B 12 -36.44 3.85 17.05
CA GLY B 12 -36.91 5.23 17.06
C GLY B 12 -35.88 6.19 17.58
N SER B 13 -36.33 7.17 18.36
CA SER B 13 -35.43 8.16 18.92
C SER B 13 -34.65 7.57 20.09
N GLU B 14 -33.34 7.80 20.11
CA GLU B 14 -32.48 7.31 21.16
C GLU B 14 -31.55 8.43 21.59
N THR B 15 -31.02 8.31 22.81
CA THR B 15 -30.06 9.28 23.31
C THR B 15 -28.69 9.03 22.69
N ASN B 16 -27.73 9.88 23.04
CA ASN B 16 -26.40 9.78 22.45
C ASN B 16 -25.65 8.57 22.99
N SER B 17 -25.78 8.31 24.29
CA SER B 17 -25.10 7.17 24.90
C SER B 17 -25.65 5.85 24.38
N GLN B 18 -26.97 5.75 24.23
CA GLN B 18 -27.57 4.53 23.72
C GLN B 18 -27.36 4.34 22.23
N GLU B 19 -27.02 5.42 21.50
CA GLU B 19 -26.79 5.29 20.07
C GLU B 19 -25.45 4.62 19.78
N VAL B 20 -24.49 4.77 20.69
CA VAL B 20 -23.18 4.14 20.49
C VAL B 20 -23.29 2.62 20.64
N ARG B 21 -24.04 2.17 21.64
CA ARG B 21 -24.20 0.74 21.86
C ARG B 21 -25.07 0.11 20.77
N SER B 22 -26.06 0.86 20.28
CA SER B 22 -26.94 0.33 19.24
C SER B 22 -26.21 0.22 17.90
N GLN B 23 -25.36 1.20 17.58
CA GLN B 23 -24.65 1.18 16.31
C GLN B 23 -23.48 0.18 16.31
N MET B 24 -23.03 -0.25 17.47
CA MET B 24 -22.01 -1.28 17.57
C MET B 24 -22.59 -2.69 17.46
N ARG B 25 -23.92 -2.81 17.39
CA ARG B 25 -24.58 -4.10 17.30
C ARG B 25 -25.18 -4.37 15.92
N SER B 26 -25.39 -3.34 15.12
CA SER B 26 -26.01 -3.45 13.81
C SER B 26 -24.94 -3.65 12.74
N THR B 27 -25.39 -4.08 11.56
CA THR B 27 -24.50 -4.32 10.43
C THR B 27 -24.91 -3.60 9.16
N CYS B 28 -26.04 -2.89 9.16
CA CYS B 28 -26.53 -2.23 7.96
C CYS B 28 -25.82 -0.89 7.75
N LEU B 29 -25.78 -0.46 6.49
CA LEU B 29 -25.18 0.82 6.15
C LEU B 29 -26.11 1.96 6.57
N ILE B 30 -25.54 3.15 6.73
CA ILE B 30 -26.23 4.26 7.38
C ILE B 30 -26.40 5.46 6.47
N ILE B 31 -26.19 5.31 5.17
CA ILE B 31 -26.54 6.33 4.18
C ILE B 31 -27.65 5.77 3.30
N PRO B 32 -28.72 6.54 3.06
CA PRO B 32 -29.85 6.01 2.25
C PRO B 32 -29.43 5.70 0.83
N LYS B 33 -30.08 4.67 0.26
CA LYS B 33 -29.68 4.17 -1.05
C LYS B 33 -30.04 5.15 -2.17
N GLU B 34 -31.15 5.86 -2.04
CA GLU B 34 -31.59 6.77 -3.09
C GLU B 34 -30.65 7.96 -3.21
N ARG B 35 -30.23 8.52 -2.08
CA ARG B 35 -29.35 9.68 -2.13
C ARG B 35 -27.91 9.28 -2.49
N PHE B 36 -27.55 8.02 -2.26
CA PHE B 36 -26.23 7.56 -2.69
C PHE B 36 -26.22 7.32 -4.20
N ARG B 37 -27.33 6.83 -4.76
CA ARG B 37 -27.42 6.69 -6.21
C ARG B 37 -27.44 8.05 -6.89
N THR B 38 -28.12 9.02 -6.29
CA THR B 38 -28.16 10.37 -6.85
C THR B 38 -26.77 11.00 -6.89
N MET B 39 -26.00 10.82 -5.82
CA MET B 39 -24.62 11.31 -5.82
C MET B 39 -23.75 10.53 -6.79
N ALA B 40 -23.99 9.22 -6.92
CA ALA B 40 -23.14 8.39 -7.78
C ALA B 40 -23.30 8.75 -9.24
N LYS B 41 -24.54 9.07 -9.66
CA LYS B 41 -24.77 9.44 -11.04
C LYS B 41 -24.32 10.88 -11.31
N GLU B 42 -24.36 11.74 -10.29
CA GLU B 42 -24.06 13.15 -10.49
C GLU B 42 -22.58 13.37 -10.77
N ILE B 43 -21.70 12.69 -10.03
CA ILE B 43 -20.26 12.82 -10.27
C ILE B 43 -19.88 12.17 -11.59
N SER B 44 -20.52 11.04 -11.92
CA SER B 44 -20.23 10.39 -13.19
C SER B 44 -20.74 11.20 -14.38
N LYS B 45 -21.65 12.14 -14.13
CA LYS B 45 -22.13 13.00 -15.22
C LYS B 45 -21.07 14.03 -15.63
N LYS B 46 -20.13 14.33 -14.75
CA LYS B 46 -19.10 15.31 -15.09
C LYS B 46 -18.04 14.74 -16.03
N GLU B 47 -17.91 13.41 -16.08
CA GLU B 47 -16.95 12.78 -16.99
C GLU B 47 -17.62 12.12 -18.19
N GLY B 48 -18.57 11.22 -17.95
CA GLY B 48 -19.26 10.56 -19.05
C GLY B 48 -20.76 10.74 -18.97
N HIS B 49 -21.34 11.40 -19.98
CA HIS B 49 -22.78 11.67 -19.97
C HIS B 49 -23.57 10.39 -20.22
N ASP B 50 -24.69 10.27 -19.51
CA ASP B 50 -25.66 9.17 -19.63
C ASP B 50 -25.00 7.81 -19.38
N VAL B 51 -24.54 7.63 -18.14
CA VAL B 51 -23.94 6.39 -17.69
C VAL B 51 -24.87 5.75 -16.67
N HIS B 52 -25.31 4.53 -16.95
CA HIS B 52 -26.15 3.78 -16.03
C HIS B 52 -25.28 3.12 -14.97
N ILE B 53 -25.84 2.99 -13.77
CA ILE B 53 -25.16 2.37 -12.63
C ILE B 53 -25.93 1.14 -12.21
N ALA B 54 -25.25 0.00 -12.14
CA ALA B 54 -25.88 -1.24 -11.72
C ALA B 54 -26.12 -1.25 -10.22
N GLU B 55 -27.12 -2.02 -9.80
CA GLU B 55 -27.45 -2.09 -8.38
C GLU B 55 -26.38 -2.85 -7.60
N ALA B 56 -25.73 -3.82 -8.24
CA ALA B 56 -24.63 -4.54 -7.59
C ALA B 56 -23.42 -3.63 -7.40
N ALA B 57 -23.19 -2.71 -8.35
CA ALA B 57 -22.07 -1.79 -8.23
C ALA B 57 -22.32 -0.76 -7.14
N LEU B 58 -23.58 -0.37 -6.93
CA LEU B 58 -23.91 0.61 -5.90
C LEU B 58 -23.65 0.07 -4.50
N ASP B 59 -23.91 -1.23 -4.29
CA ASP B 59 -23.69 -1.82 -2.98
C ASP B 59 -22.21 -1.90 -2.64
N MET B 60 -21.37 -2.24 -3.62
CA MET B 60 -19.93 -2.31 -3.38
C MET B 60 -19.33 -0.92 -3.22
N LEU B 61 -19.89 0.06 -3.93
CA LEU B 61 -19.41 1.44 -3.78
C LEU B 61 -19.72 1.99 -2.39
N GLN B 62 -20.89 1.65 -1.85
CA GLN B 62 -21.28 2.21 -0.56
C GLN B 62 -20.53 1.55 0.58
N VAL B 63 -20.22 0.25 0.44
CA VAL B 63 -19.52 -0.48 1.50
C VAL B 63 -18.10 0.05 1.67
N ILE B 64 -17.44 0.36 0.55
CA ILE B 64 -16.08 0.89 0.60
C ILE B 64 -16.08 2.28 1.24
N VAL B 65 -17.08 3.09 0.93
CA VAL B 65 -17.18 4.45 1.48
C VAL B 65 -17.45 4.39 2.99
N GLU B 66 -18.33 3.50 3.43
CA GLU B 66 -18.64 3.39 4.86
C GLU B 66 -17.42 2.96 5.66
N SER B 67 -16.68 1.96 5.17
CA SER B 67 -15.54 1.44 5.92
C SER B 67 -14.39 2.43 5.95
N CYS B 68 -14.21 3.21 4.88
CA CYS B 68 -13.14 4.20 4.85
C CYS B 68 -13.49 5.41 5.71
N THR B 69 -14.77 5.79 5.76
CA THR B 69 -15.17 6.94 6.57
C THR B 69 -15.11 6.62 8.05
N VAL B 70 -15.57 5.43 8.45
CA VAL B 70 -15.54 5.03 9.85
C VAL B 70 -14.10 4.87 10.33
N ARG B 71 -13.22 4.35 9.46
CA ARG B 71 -11.81 4.19 9.81
C ARG B 71 -11.14 5.53 10.05
N LEU B 72 -11.49 6.55 9.25
CA LEU B 72 -10.97 7.89 9.46
C LEU B 72 -11.45 8.47 10.79
N LEU B 73 -12.72 8.24 11.13
CA LEU B 73 -13.30 8.85 12.33
C LEU B 73 -12.79 8.16 13.58
N GLU B 74 -12.54 6.85 13.50
CA GLU B 74 -11.90 6.15 14.61
C GLU B 74 -10.48 6.69 14.83
N LYS B 75 -9.80 7.05 13.75
CA LYS B 75 -8.52 7.73 13.87
C LYS B 75 -8.69 9.16 14.36
N ALA B 76 -9.78 9.80 13.99
CA ALA B 76 -10.02 11.17 14.44
C ALA B 76 -10.39 11.20 15.92
N LEU B 77 -10.96 10.11 16.43
CA LEU B 77 -11.30 10.05 17.85
C LEU B 77 -10.04 9.90 18.70
N VAL B 78 -9.00 9.25 18.15
CA VAL B 78 -7.75 9.05 18.89
C VAL B 78 -7.04 10.38 19.13
N ILE B 79 -7.02 11.25 18.10
CA ILE B 79 -6.40 12.56 18.25
C ILE B 79 -7.16 13.41 19.27
N THR B 80 -8.49 13.30 19.26
CA THR B 80 -9.29 14.01 20.25
C THR B 80 -9.01 13.51 21.66
N TYR B 81 -8.91 12.19 21.83
CA TYR B 81 -8.61 11.64 23.16
C TYR B 81 -7.17 11.88 23.57
N SER B 82 -6.26 12.07 22.59
CA SER B 82 -4.87 12.34 22.93
C SER B 82 -4.68 13.78 23.39
N GLY B 83 -5.61 14.67 23.06
CA GLY B 83 -5.51 16.06 23.47
C GLY B 83 -6.27 16.37 24.73
N LYS B 84 -6.62 15.31 25.48
CA LYS B 84 -7.37 15.39 26.74
C LYS B 84 -8.71 16.09 26.55
N ARG B 85 -9.38 15.81 25.44
CA ARG B 85 -10.70 16.36 25.14
C ARG B 85 -11.65 15.23 24.77
N THR B 86 -12.94 15.47 24.99
CA THR B 86 -13.97 14.47 24.69
C THR B 86 -14.89 14.88 23.56
N ARG B 87 -14.59 15.96 22.84
CA ARG B 87 -15.45 16.46 21.78
C ARG B 87 -14.66 16.47 20.47
N VAL B 88 -15.11 15.70 19.49
CA VAL B 88 -14.46 15.66 18.19
C VAL B 88 -14.85 16.92 17.41
N THR B 89 -13.85 17.67 16.97
CA THR B 89 -14.04 18.92 16.26
C THR B 89 -13.65 18.75 14.79
N SER B 90 -13.78 19.85 14.04
CA SER B 90 -13.43 19.81 12.62
C SER B 90 -11.93 19.72 12.42
N LYS B 91 -11.15 20.27 13.35
CA LYS B 91 -9.70 20.22 13.23
C LYS B 91 -9.18 18.81 13.43
N ASP B 92 -9.84 18.03 14.29
CA ASP B 92 -9.39 16.67 14.59
C ASP B 92 -9.54 15.76 13.37
N ILE B 93 -10.64 15.90 12.62
CA ILE B 93 -10.84 15.07 11.44
C ILE B 93 -9.87 15.47 10.33
N GLU B 94 -9.65 16.78 10.16
CA GLU B 94 -8.71 17.24 9.14
C GLU B 94 -7.28 16.84 9.48
N THR B 95 -6.95 16.81 10.77
CA THR B 95 -5.63 16.32 11.18
C THR B 95 -5.48 14.83 10.92
N ALA B 96 -6.55 14.06 11.14
CA ALA B 96 -6.50 12.62 10.90
C ALA B 96 -6.36 12.30 9.41
N PHE B 97 -6.99 13.10 8.56
CA PHE B 97 -6.83 12.90 7.13
C PHE B 97 -5.44 13.31 6.67
N MET B 98 -4.89 14.38 7.25
CA MET B 98 -3.57 14.85 6.86
C MET B 98 -2.45 13.92 7.31
N LEU B 99 -2.64 13.21 8.42
CA LEU B 99 -1.62 12.32 8.95
C LEU B 99 -1.41 11.07 8.11
N GLU B 100 -2.32 10.74 7.19
CA GLU B 100 -2.13 9.61 6.30
C GLU B 100 -1.95 10.00 4.84
N HIS B 101 -2.44 11.16 4.42
CA HIS B 101 -2.33 11.62 3.03
C HIS B 101 -1.79 13.05 3.05
N GLY B 102 -0.47 13.19 3.00
CA GLY B 102 0.15 14.50 3.00
C GLY B 102 1.50 14.55 3.67
N ASN C 16 17.79 1.06 -17.11
CA ASN C 16 18.16 2.43 -16.75
C ASN C 16 17.81 3.48 -17.81
N PHE C 17 17.59 4.72 -17.38
CA PHE C 17 17.22 5.81 -18.26
C PHE C 17 18.18 6.99 -18.18
N ARG C 18 19.48 6.73 -18.01
CA ARG C 18 20.42 7.81 -17.70
C ARG C 18 20.63 8.72 -18.90
N LEU C 19 20.79 8.14 -20.10
CA LEU C 19 21.07 8.97 -21.26
C LEU C 19 19.83 9.70 -21.76
N GLY C 20 18.64 9.13 -21.50
CA GLY C 20 17.41 9.83 -21.87
C GLY C 20 17.17 11.06 -21.02
N LEU C 21 17.47 10.97 -19.72
CA LEU C 21 17.22 12.09 -18.82
C LEU C 21 18.22 13.23 -19.05
N ARG C 22 19.46 12.89 -19.39
CA ARG C 22 20.48 13.91 -19.59
C ARG C 22 20.21 14.73 -20.85
N ASN C 23 19.66 14.09 -21.88
CA ASN C 23 19.36 14.81 -23.12
C ASN C 23 18.24 15.82 -22.92
N MET C 24 17.23 15.49 -22.11
CA MET C 24 16.16 16.44 -21.86
C MET C 24 16.65 17.62 -21.02
N LEU C 25 17.59 17.37 -20.11
CA LEU C 25 18.16 18.45 -19.32
C LEU C 25 18.94 19.41 -20.22
N ALA C 26 19.63 18.88 -21.22
CA ALA C 26 20.33 19.74 -22.17
C ALA C 26 19.36 20.55 -23.02
N GLN C 27 18.19 19.98 -23.32
CA GLN C 27 17.20 20.70 -24.12
C GLN C 27 16.48 21.76 -23.29
N ILE C 28 16.16 21.45 -22.04
CA ILE C 28 15.41 22.37 -21.19
C ILE C 28 16.32 23.40 -20.54
N HIS C 29 17.40 22.96 -19.89
CA HIS C 29 18.31 23.85 -19.19
C HIS C 29 19.71 23.69 -19.74
N PRO C 30 20.08 24.45 -20.79
CA PRO C 30 21.39 24.25 -21.42
C PRO C 30 22.59 24.56 -20.54
N ASP C 31 22.41 25.36 -19.49
CA ASP C 31 23.50 25.74 -18.61
C ASP C 31 23.49 25.01 -17.27
N ILE C 32 22.69 23.95 -17.13
CA ILE C 32 22.56 23.21 -15.89
C ILE C 32 22.90 21.75 -16.15
N SER C 33 23.85 21.21 -15.39
CA SER C 33 24.21 19.80 -15.46
C SER C 33 23.57 19.04 -14.30
N VAL C 34 23.89 17.75 -14.20
CA VAL C 34 23.32 16.88 -13.19
C VAL C 34 24.43 16.04 -12.57
N GLN C 35 24.37 15.86 -11.25
CA GLN C 35 25.29 14.97 -10.57
C GLN C 35 24.99 13.52 -10.93
N THR C 36 26.01 12.67 -10.82
CA THR C 36 25.84 11.25 -11.12
C THR C 36 24.93 10.58 -10.10
N GLU C 37 25.05 10.96 -8.83
CA GLU C 37 24.15 10.42 -7.81
C GLU C 37 22.73 10.92 -8.02
N ALA C 38 22.58 12.18 -8.42
CA ALA C 38 21.25 12.72 -8.68
C ALA C 38 20.64 12.12 -9.94
N LEU C 39 21.48 11.76 -10.91
CA LEU C 39 20.97 11.15 -12.14
C LEU C 39 20.48 9.73 -11.89
N SER C 40 21.12 9.02 -10.95
CA SER C 40 20.67 7.67 -10.62
C SER C 40 19.33 7.69 -9.90
N GLU C 41 19.09 8.71 -9.08
CA GLU C 41 17.80 8.83 -8.40
C GLU C 41 16.69 9.21 -9.39
N LEU C 42 17.02 10.05 -10.38
CA LEU C 42 16.04 10.40 -11.41
C LEU C 42 15.73 9.20 -12.30
N SER C 43 16.74 8.40 -12.62
CA SER C 43 16.51 7.19 -13.41
C SER C 43 15.69 6.16 -12.62
N ASN C 44 15.90 6.11 -11.31
CA ASN C 44 15.15 5.19 -10.48
C ASN C 44 13.70 5.63 -10.35
N ILE C 45 13.46 6.95 -10.39
CA ILE C 45 12.09 7.46 -10.45
C ILE C 45 11.45 7.08 -11.78
N ALA C 46 12.21 7.21 -12.88
CA ALA C 46 11.67 6.95 -14.20
C ALA C 46 11.34 5.47 -14.39
N VAL C 47 12.15 4.58 -13.80
CA VAL C 47 11.88 3.15 -13.89
C VAL C 47 10.61 2.81 -13.09
N PHE C 48 10.51 3.33 -11.87
CA PHE C 48 9.36 3.02 -11.03
C PHE C 48 8.10 3.73 -11.52
N LEU C 49 8.24 4.85 -12.23
CA LEU C 49 7.08 5.48 -12.86
C LEU C 49 6.50 4.59 -13.95
N GLY C 50 7.37 3.94 -14.72
CA GLY C 50 6.87 3.03 -15.75
C GLY C 50 6.29 1.75 -15.17
N LYS C 51 6.72 1.38 -13.96
CA LYS C 51 6.21 0.16 -13.33
C LYS C 51 4.81 0.38 -12.77
N LYS C 52 4.56 1.55 -12.17
CA LYS C 52 3.24 1.83 -11.61
C LYS C 52 2.20 2.00 -12.71
N ILE C 53 2.60 2.57 -13.86
CA ILE C 53 1.70 2.69 -14.99
C ILE C 53 1.42 1.32 -15.60
N SER C 54 2.44 0.46 -15.65
CA SER C 54 2.27 -0.88 -16.19
C SER C 54 1.32 -1.72 -15.35
N HIS C 55 1.39 -1.57 -14.01
CA HIS C 55 0.43 -2.24 -13.14
C HIS C 55 -0.97 -1.70 -13.35
N GLY C 56 -1.10 -0.40 -13.58
CA GLY C 56 -2.40 0.18 -13.86
C GLY C 56 -2.99 -0.28 -15.18
N ALA C 57 -2.13 -0.47 -16.20
CA ALA C 57 -2.61 -0.92 -17.50
C ALA C 57 -3.14 -2.34 -17.44
N VAL C 58 -2.47 -3.21 -16.69
CA VAL C 58 -2.93 -4.59 -16.56
C VAL C 58 -4.22 -4.68 -15.75
N THR C 59 -4.32 -3.88 -14.68
CA THR C 59 -5.49 -3.95 -13.80
C THR C 59 -6.77 -3.51 -14.50
N LEU C 60 -6.71 -2.40 -15.25
CA LEU C 60 -7.89 -1.94 -15.98
C LEU C 60 -8.19 -2.79 -17.21
N LEU C 61 -7.23 -3.60 -17.66
CA LEU C 61 -7.46 -4.46 -18.81
C LEU C 61 -8.46 -5.56 -18.45
N PRO C 62 -9.44 -5.84 -19.31
CA PRO C 62 -10.37 -6.94 -19.04
C PRO C 62 -9.68 -8.29 -19.05
N GLU C 63 -10.27 -9.22 -18.29
CA GLU C 63 -9.63 -10.53 -18.10
C GLU C 63 -9.68 -11.36 -19.38
N GLY C 64 -10.64 -11.08 -20.26
CA GLY C 64 -10.75 -11.82 -21.50
C GLY C 64 -9.94 -11.22 -22.64
N THR C 65 -8.86 -10.52 -22.30
CA THR C 65 -7.98 -9.92 -23.30
C THR C 65 -6.54 -10.23 -22.92
N LYS C 66 -5.68 -10.25 -23.95
CA LYS C 66 -4.27 -10.57 -23.73
C LYS C 66 -3.31 -9.60 -24.39
N THR C 67 -3.77 -8.41 -24.78
CA THR C 67 -2.90 -7.40 -25.40
C THR C 67 -3.11 -6.07 -24.69
N ILE C 68 -2.01 -5.35 -24.44
CA ILE C 68 -2.05 -3.98 -23.95
C ILE C 68 -1.96 -3.05 -25.15
N LYS C 69 -3.05 -2.37 -25.46
CA LYS C 69 -3.09 -1.42 -26.56
C LYS C 69 -2.62 -0.06 -26.08
N SER C 70 -2.61 0.90 -27.01
CA SER C 70 -2.23 2.27 -26.65
C SER C 70 -3.30 2.94 -25.81
N SER C 71 -4.56 2.52 -25.95
CA SER C 71 -5.65 3.14 -25.20
C SER C 71 -5.60 2.74 -23.74
N ALA C 72 -5.06 1.56 -23.43
CA ALA C 72 -4.97 1.12 -22.04
C ALA C 72 -3.96 1.95 -21.26
N VAL C 73 -2.84 2.31 -21.91
CA VAL C 73 -1.83 3.14 -21.24
C VAL C 73 -2.35 4.56 -21.07
N LEU C 74 -3.21 5.02 -21.99
CA LEU C 74 -3.83 6.34 -21.87
C LEU C 74 -4.69 6.44 -20.61
N LEU C 75 -5.54 5.44 -20.37
CA LEU C 75 -6.47 5.52 -19.25
C LEU C 75 -5.77 5.19 -17.93
N ALA C 76 -4.71 4.38 -17.98
CA ALA C 76 -3.99 4.04 -16.75
C ALA C 76 -3.22 5.23 -16.21
N ALA C 77 -2.68 6.06 -17.10
CA ALA C 77 -1.94 7.24 -16.65
C ALA C 77 -2.88 8.30 -16.10
N GLY C 78 -4.13 8.31 -16.56
CA GLY C 78 -5.09 9.28 -16.06
C GLY C 78 -5.48 9.04 -14.62
N ASP C 79 -5.40 7.78 -14.17
CA ASP C 79 -5.68 7.48 -12.77
C ASP C 79 -4.52 7.90 -11.88
N LEU C 80 -3.29 7.66 -12.33
CA LEU C 80 -2.12 8.00 -11.50
C LEU C 80 -1.90 9.50 -11.46
N TYR C 81 -2.24 10.21 -12.53
CA TYR C 81 -1.99 11.64 -12.67
C TYR C 81 -3.32 12.38 -12.55
N GLY C 82 -3.49 13.13 -11.46
CA GLY C 82 -4.76 13.76 -11.19
C GLY C 82 -4.87 15.18 -11.71
N LYS C 83 -6.09 15.51 -12.15
CA LYS C 83 -6.50 16.85 -12.58
C LYS C 83 -5.62 17.42 -13.69
N ASP C 84 -4.79 18.41 -13.35
CA ASP C 84 -4.05 19.16 -14.36
C ASP C 84 -2.99 18.30 -15.04
N LEU C 85 -2.29 17.46 -14.27
CA LEU C 85 -1.27 16.61 -14.86
C LEU C 85 -1.87 15.55 -15.77
N GLY C 86 -3.01 14.98 -15.38
CA GLY C 86 -3.66 13.97 -16.22
C GLY C 86 -4.19 14.55 -17.52
N ARG C 87 -4.69 15.78 -17.47
CA ARG C 87 -5.20 16.43 -18.68
C ARG C 87 -4.07 16.77 -19.65
N HIS C 88 -2.95 17.28 -19.12
CA HIS C 88 -1.82 17.60 -19.97
C HIS C 88 -1.10 16.35 -20.45
N ALA C 89 -1.26 15.23 -19.74
CA ALA C 89 -0.62 14.00 -20.17
C ALA C 89 -1.25 13.48 -21.45
N VAL C 90 -2.58 13.40 -21.49
CA VAL C 90 -3.30 12.72 -22.57
C VAL C 90 -3.07 13.42 -23.90
N GLY C 91 -2.98 14.76 -23.88
CA GLY C 91 -2.65 15.48 -25.09
C GLY C 91 -1.25 15.19 -25.60
N GLU C 92 -0.31 14.98 -24.68
CA GLU C 92 1.07 14.74 -25.09
C GLU C 92 1.27 13.31 -25.57
N MET C 93 0.49 12.35 -25.06
CA MET C 93 0.64 10.97 -25.52
C MET C 93 0.11 10.82 -26.94
N THR C 94 -1.08 11.35 -27.21
CA THR C 94 -1.73 11.16 -28.50
C THR C 94 -0.96 11.86 -29.61
N LYS C 95 -0.38 13.02 -29.30
CA LYS C 95 0.46 13.72 -30.28
C LYS C 95 1.71 12.91 -30.59
N ALA C 96 2.29 12.25 -29.58
CA ALA C 96 3.47 11.42 -29.81
C ALA C 96 3.11 10.15 -30.58
N VAL C 97 1.91 9.60 -30.34
CA VAL C 97 1.50 8.38 -31.01
C VAL C 97 1.23 8.64 -32.49
N THR C 98 0.52 9.73 -32.80
CA THR C 98 0.16 10.00 -34.19
C THR C 98 1.37 10.44 -35.01
N ARG C 99 2.42 10.92 -34.35
CA ARG C 99 3.69 11.14 -35.03
C ARG C 99 4.34 9.81 -35.40
N TYR C 100 4.22 8.82 -34.52
CA TYR C 100 4.79 7.50 -34.80
C TYR C 100 3.98 6.77 -35.87
N GLY C 101 2.69 7.05 -35.96
CA GLY C 101 1.84 6.36 -36.90
C GLY C 101 2.02 6.79 -38.34
N SER C 102 2.46 8.02 -38.57
CA SER C 102 2.64 8.55 -39.91
C SER C 102 4.10 8.58 -40.36
N ALA C 103 5.03 8.25 -39.47
CA ALA C 103 6.46 8.23 -39.79
C ALA C 103 7.05 6.83 -39.75
N LYS C 104 6.23 5.80 -39.62
CA LYS C 104 6.72 4.42 -39.57
C LYS C 104 6.90 3.82 -40.96
N GLU D 1 6.48 4.52 -42.01
CA GLU D 1 6.68 4.01 -43.37
C GLU D 1 8.15 3.96 -43.73
N SER D 2 8.88 5.05 -43.48
CA SER D 2 10.33 5.04 -43.55
C SER D 2 10.90 4.85 -42.14
N LYS D 3 12.22 4.68 -42.05
CA LYS D 3 12.85 4.32 -40.78
C LYS D 3 13.69 5.46 -40.19
N GLU D 4 14.61 6.04 -40.96
CA GLU D 4 15.51 7.14 -40.60
C GLU D 4 16.06 7.11 -39.17
N GLY D 5 16.39 5.93 -38.66
CA GLY D 5 16.98 5.81 -37.34
C GLY D 5 16.13 4.94 -36.43
N SER D 6 16.13 5.29 -35.16
CA SER D 6 15.51 4.49 -34.11
C SER D 6 14.05 4.88 -33.92
N ARG D 7 13.38 4.14 -33.03
CA ARG D 7 11.96 4.36 -32.76
C ARG D 7 11.75 5.68 -32.03
N SER D 8 12.65 6.02 -31.10
CA SER D 8 12.50 7.25 -30.33
C SER D 8 12.68 8.47 -31.21
N SER D 9 13.53 8.37 -32.23
CA SER D 9 13.67 9.47 -33.19
C SER D 9 12.46 9.55 -34.11
N LYS D 10 11.82 8.40 -34.40
CA LYS D 10 10.63 8.40 -35.23
C LYS D 10 9.45 9.07 -34.52
N ALA D 11 9.29 8.81 -33.23
CA ALA D 11 8.20 9.40 -32.46
C ALA D 11 8.57 10.76 -31.87
N LYS D 12 9.78 11.25 -32.16
CA LYS D 12 10.31 12.53 -31.67
C LYS D 12 10.30 12.58 -30.13
N LEU D 13 10.91 11.58 -29.51
CA LEU D 13 11.03 11.49 -28.07
C LEU D 13 12.50 11.33 -27.69
N GLN D 14 12.79 11.60 -26.40
CA GLN D 14 14.15 11.49 -25.91
C GLN D 14 14.33 10.30 -24.98
N ILE D 15 13.26 9.87 -24.30
CA ILE D 15 13.27 8.60 -23.58
C ILE D 15 13.19 7.46 -24.60
N SER D 16 14.05 6.46 -24.44
CA SER D 16 14.12 5.36 -25.38
C SER D 16 12.83 4.54 -25.36
N VAL D 17 12.20 4.43 -26.53
CA VAL D 17 10.94 3.69 -26.63
C VAL D 17 11.18 2.19 -26.48
N ALA D 18 12.25 1.68 -27.07
CA ALA D 18 12.55 0.25 -27.01
C ALA D 18 12.90 -0.19 -25.59
N ARG D 19 13.43 0.72 -24.77
CA ARG D 19 13.70 0.38 -23.39
C ARG D 19 12.41 0.29 -22.58
N SER D 20 11.45 1.17 -22.87
CA SER D 20 10.15 1.11 -22.20
C SER D 20 9.34 -0.10 -22.65
N GLU D 21 9.59 -0.59 -23.87
CA GLU D 21 8.95 -1.82 -24.32
C GLU D 21 9.49 -3.01 -23.53
N ARG D 22 10.77 -2.98 -23.17
CA ARG D 22 11.34 -4.04 -22.35
C ARG D 22 10.76 -4.00 -20.94
N LEU D 23 10.35 -2.81 -20.48
CA LEU D 23 9.70 -2.70 -19.18
C LEU D 23 8.34 -3.39 -19.18
N LEU D 24 7.58 -3.25 -20.26
CA LEU D 24 6.25 -3.85 -20.31
C LEU D 24 6.33 -5.36 -20.52
N ARG D 25 7.17 -5.82 -21.46
CA ARG D 25 7.16 -7.23 -21.84
C ARG D 25 7.81 -8.11 -20.78
N GLU D 26 8.94 -7.67 -20.22
CA GLU D 26 9.61 -8.47 -19.20
C GLU D 26 9.05 -8.26 -17.81
N HIS D 27 8.03 -7.41 -17.66
CA HIS D 27 7.30 -7.31 -16.40
C HIS D 27 6.55 -8.58 -16.06
N GLY D 28 6.08 -9.31 -17.08
CA GLY D 28 5.24 -10.46 -16.84
C GLY D 28 3.78 -10.14 -16.62
N GLY D 29 3.42 -8.86 -16.69
CA GLY D 29 2.04 -8.46 -16.46
C GLY D 29 1.09 -8.82 -17.59
N CYS D 30 1.59 -9.05 -18.79
CA CYS D 30 0.74 -9.40 -19.91
C CYS D 30 1.54 -10.23 -20.90
N SER D 31 0.82 -11.04 -21.67
CA SER D 31 1.46 -11.91 -22.65
C SER D 31 1.93 -11.14 -23.87
N ARG D 32 1.12 -10.21 -24.38
CA ARG D 32 1.41 -9.50 -25.61
C ARG D 32 1.34 -8.00 -25.37
N VAL D 33 2.30 -7.27 -25.93
CA VAL D 33 2.37 -5.81 -25.81
C VAL D 33 2.36 -5.23 -27.21
N SER D 34 1.43 -4.31 -27.47
CA SER D 34 1.36 -3.66 -28.77
C SER D 34 2.47 -2.62 -28.90
N GLU D 35 2.82 -2.31 -30.15
CA GLU D 35 3.86 -1.33 -30.41
C GLU D 35 3.42 0.09 -30.04
N GLY D 36 2.12 0.38 -30.17
CA GLY D 36 1.63 1.69 -29.80
C GLY D 36 1.63 1.94 -28.30
N ALA D 37 1.55 0.87 -27.51
CA ALA D 37 1.58 1.01 -26.06
C ALA D 37 2.97 1.36 -25.56
N ALA D 38 4.01 0.87 -26.26
CA ALA D 38 5.37 1.18 -25.86
C ALA D 38 5.70 2.65 -26.09
N VAL D 39 5.19 3.23 -27.18
CA VAL D 39 5.41 4.64 -27.46
C VAL D 39 4.66 5.51 -26.45
N ALA D 40 3.45 5.07 -26.07
CA ALA D 40 2.66 5.84 -25.11
C ALA D 40 3.30 5.87 -23.73
N LEU D 41 3.88 4.74 -23.30
CA LEU D 41 4.56 4.72 -22.01
C LEU D 41 5.86 5.51 -22.08
N ALA D 42 6.50 5.54 -23.25
CA ALA D 42 7.69 6.38 -23.41
C ALA D 42 7.34 7.86 -23.29
N ALA D 43 6.18 8.26 -23.81
CA ALA D 43 5.74 9.65 -23.65
C ALA D 43 5.26 9.91 -22.24
N ALA D 44 4.86 8.86 -21.52
CA ALA D 44 4.46 9.01 -20.12
C ALA D 44 5.63 9.44 -19.26
N ILE D 45 6.77 8.74 -19.40
CA ILE D 45 7.95 9.05 -18.60
C ILE D 45 8.56 10.37 -19.04
N GLU D 46 8.57 10.63 -20.35
CA GLU D 46 9.29 11.78 -20.91
C GLU D 46 8.68 13.10 -20.45
N TYR D 47 7.35 13.16 -20.36
CA TYR D 47 6.70 14.41 -19.97
C TYR D 47 6.89 14.70 -18.49
N PHE D 48 6.76 13.68 -17.65
CA PHE D 48 6.72 13.93 -16.21
C PHE D 48 8.12 13.92 -15.60
N MET D 49 9.10 13.35 -16.30
CA MET D 49 10.49 13.63 -15.95
C MET D 49 10.90 15.01 -16.44
N GLY D 50 10.24 15.51 -17.49
CA GLY D 50 10.46 16.89 -17.91
C GLY D 50 9.95 17.89 -16.87
N GLU D 51 8.85 17.56 -16.20
CA GLU D 51 8.31 18.45 -15.17
C GLU D 51 9.21 18.48 -13.95
N VAL D 52 9.79 17.32 -13.59
CA VAL D 52 10.71 17.27 -12.47
C VAL D 52 12.01 18.00 -12.79
N LEU D 53 12.53 17.81 -14.01
CA LEU D 53 13.78 18.45 -14.40
C LEU D 53 13.63 19.95 -14.53
N GLU D 54 12.44 20.42 -14.94
CA GLU D 54 12.21 21.85 -15.06
C GLU D 54 12.18 22.51 -13.69
N LEU D 55 11.54 21.87 -12.72
CA LEU D 55 11.45 22.45 -11.38
C LEU D 55 12.77 22.31 -10.63
N ALA D 56 13.49 21.21 -10.85
CA ALA D 56 14.79 21.04 -10.20
C ALA D 56 15.83 21.98 -10.78
N GLY D 57 15.74 22.27 -12.08
CA GLY D 57 16.66 23.23 -12.68
C GLY D 57 16.46 24.63 -12.17
N ASN D 58 15.20 25.03 -11.96
CA ASN D 58 14.93 26.35 -11.39
C ASN D 58 15.36 26.43 -9.93
N ALA D 59 15.22 25.33 -9.19
CA ALA D 59 15.64 25.31 -7.79
C ALA D 59 17.16 25.33 -7.68
N ALA D 60 17.86 24.70 -8.62
CA ALA D 60 19.32 24.71 -8.60
C ALA D 60 19.87 26.09 -8.95
N ARG D 61 19.21 26.79 -9.88
CA ARG D 61 19.68 28.11 -10.27
C ARG D 61 19.41 29.15 -9.19
N ASP D 62 18.36 28.94 -8.40
CA ASP D 62 18.04 29.87 -7.32
C ASP D 62 19.07 29.80 -6.20
N SER D 63 19.69 28.65 -6.00
CA SER D 63 20.71 28.48 -4.98
C SER D 63 22.11 28.76 -5.50
N LYS D 64 22.22 29.42 -6.66
CA LYS D 64 23.50 29.82 -7.28
C LYS D 64 24.40 28.61 -7.54
N LYS D 65 23.81 27.52 -8.00
CA LYS D 65 24.55 26.31 -8.36
C LYS D 65 24.22 25.94 -9.80
N VAL D 66 25.20 25.34 -10.49
CA VAL D 66 25.05 24.92 -11.87
C VAL D 66 24.93 23.42 -12.01
N ARG D 67 24.87 22.68 -10.91
CA ARG D 67 24.73 21.23 -10.94
C ARG D 67 23.58 20.81 -10.05
N ILE D 68 22.67 19.99 -10.59
CA ILE D 68 21.52 19.55 -9.83
C ILE D 68 21.93 18.45 -8.86
N SER D 69 21.63 18.64 -7.58
CA SER D 69 21.91 17.68 -6.54
C SER D 69 20.63 16.96 -6.13
N VAL D 70 20.76 16.03 -5.18
CA VAL D 70 19.60 15.28 -4.70
C VAL D 70 18.72 16.17 -3.83
N LYS D 71 19.29 17.22 -3.22
CA LYS D 71 18.49 18.13 -2.43
C LYS D 71 17.58 18.98 -3.30
N HIS D 72 18.06 19.37 -4.48
CA HIS D 72 17.24 20.17 -5.38
C HIS D 72 16.09 19.36 -5.97
N ILE D 73 16.30 18.05 -6.14
CA ILE D 73 15.22 17.18 -6.62
C ILE D 73 14.14 17.05 -5.55
N THR D 74 14.54 16.91 -4.29
CA THR D 74 13.57 16.77 -3.20
C THR D 74 12.79 18.07 -2.99
N LEU D 75 13.48 19.22 -3.10
CA LEU D 75 12.80 20.50 -2.91
C LEU D 75 11.83 20.79 -4.05
N ALA D 76 12.17 20.34 -5.26
CA ALA D 76 11.31 20.58 -6.42
C ALA D 76 10.03 19.74 -6.34
N ILE D 77 10.15 18.50 -5.88
CA ILE D 77 8.99 17.62 -5.79
C ILE D 77 8.06 18.07 -4.67
N GLN D 78 8.62 18.45 -3.52
CA GLN D 78 7.80 18.86 -2.38
C GLN D 78 7.07 20.17 -2.63
N ASN D 79 7.68 21.09 -3.39
CA ASN D 79 7.04 22.37 -3.68
C ASN D 79 5.87 22.26 -4.65
N ASP D 80 5.74 21.15 -5.36
CA ASP D 80 4.63 20.91 -6.27
C ASP D 80 3.67 19.92 -5.64
N ALA D 81 2.42 20.35 -5.46
CA ALA D 81 1.43 19.50 -4.79
C ALA D 81 1.02 18.32 -5.68
N ALA D 82 0.94 18.56 -6.99
CA ALA D 82 0.51 17.50 -7.90
C ALA D 82 1.59 16.46 -8.12
N LEU D 83 2.87 16.88 -8.10
CA LEU D 83 3.96 15.94 -8.27
C LEU D 83 4.17 15.12 -7.01
N PHE D 84 3.84 15.67 -5.84
CA PHE D 84 4.06 14.97 -4.59
C PHE D 84 3.08 13.81 -4.42
N ALA D 85 1.91 13.88 -5.08
CA ALA D 85 0.92 12.82 -4.94
C ALA D 85 1.37 11.52 -5.60
N VAL D 86 2.32 11.61 -6.53
CA VAL D 86 2.75 10.41 -7.26
C VAL D 86 3.92 9.73 -6.58
N VAL D 87 4.97 10.49 -6.23
CA VAL D 87 6.21 9.91 -5.75
C VAL D 87 6.48 10.31 -4.30
N GLY D 88 5.43 10.71 -3.58
CA GLY D 88 5.59 11.08 -2.19
C GLY D 88 5.81 9.94 -1.22
N LYS D 89 5.46 8.72 -1.63
CA LYS D 89 5.71 7.53 -0.82
C LYS D 89 7.14 7.03 -0.97
N GLY D 90 7.92 7.63 -1.86
CA GLY D 90 9.28 7.18 -2.10
C GLY D 90 10.27 7.66 -1.07
N VAL D 91 11.44 7.04 -1.07
CA VAL D 91 12.47 7.32 -0.08
C VAL D 91 13.49 8.26 -0.70
N PHE D 92 13.64 9.46 -0.15
CA PHE D 92 14.57 10.47 -0.63
C PHE D 92 15.55 10.82 0.48
N SER D 93 16.82 10.44 0.28
CA SER D 93 17.96 10.91 1.09
C SER D 93 17.82 10.53 2.56
N GLY D 94 17.09 9.46 2.84
CA GLY D 94 16.86 9.04 4.20
C GLY D 94 15.92 9.96 4.96
N LEU E 1 7.82 -0.84 20.10
CA LEU E 1 7.98 0.56 20.47
C LEU E 1 8.28 0.70 21.96
N ALA E 2 7.25 0.48 22.79
CA ALA E 2 7.42 0.62 24.23
C ALA E 2 8.30 -0.51 24.79
N ASP E 3 8.10 -1.73 24.31
CA ASP E 3 8.80 -2.89 24.84
C ASP E 3 9.60 -3.64 23.76
N HIS E 4 9.96 -2.95 22.68
CA HIS E 4 10.79 -3.55 21.66
C HIS E 4 12.28 -3.39 21.93
N VAL E 5 12.64 -2.61 22.94
CA VAL E 5 14.03 -2.49 23.37
C VAL E 5 14.28 -3.48 24.50
N SER E 6 15.43 -4.16 24.44
CA SER E 6 15.78 -5.17 25.43
C SER E 6 17.23 -4.95 25.89
N VAL E 7 17.48 -5.26 27.15
CA VAL E 7 18.83 -5.15 27.69
C VAL E 7 19.66 -6.33 27.23
N GLY E 8 20.91 -6.08 26.88
CA GLY E 8 21.81 -7.13 26.43
C GLY E 8 22.22 -7.00 24.98
N GLU E 9 21.44 -6.26 24.20
CA GLU E 9 21.70 -6.06 22.78
C GLU E 9 22.00 -4.60 22.50
N THR E 10 22.80 -4.34 21.48
CA THR E 10 23.25 -2.99 21.18
C THR E 10 22.11 -2.16 20.60
N GLN E 11 22.09 -0.87 20.95
CA GLN E 11 21.05 0.05 20.51
C GLN E 11 21.69 1.35 20.02
N ILE E 12 20.85 2.25 19.54
CA ILE E 12 21.28 3.58 19.08
C ILE E 12 21.80 4.37 20.28
N PRO E 13 22.87 5.15 20.14
CA PRO E 13 23.24 6.09 21.20
C PRO E 13 22.16 7.13 21.45
N LYS E 14 22.15 7.64 22.69
CA LYS E 14 21.08 8.55 23.13
C LYS E 14 21.07 9.84 22.32
N ALA E 15 22.25 10.36 21.96
CA ALA E 15 22.33 11.62 21.23
C ALA E 15 21.80 11.48 19.81
N SER E 16 21.96 10.31 19.19
CA SER E 16 21.53 10.14 17.80
C SER E 16 20.01 10.05 17.70
N THR E 17 19.34 9.64 18.78
CA THR E 17 17.88 9.65 18.78
C THR E 17 17.35 11.07 18.80
N GLN E 18 18.04 11.98 19.50
CA GLN E 18 17.62 13.38 19.51
C GLN E 18 17.88 14.04 18.18
N HIS E 19 18.91 13.58 17.44
CA HIS E 19 19.16 14.11 16.10
C HIS E 19 18.05 13.73 15.14
N LEU E 20 17.45 12.55 15.33
CA LEU E 20 16.34 12.14 14.48
C LEU E 20 15.12 13.02 14.70
N LEU E 21 14.95 13.53 15.92
CA LEU E 21 13.84 14.44 16.20
C LEU E 21 14.07 15.80 15.56
N ARG E 22 15.31 16.28 15.57
CA ARG E 22 15.60 17.61 15.03
C ARG E 22 15.51 17.64 13.51
N LYS E 23 15.72 16.49 12.87
CA LYS E 23 15.46 16.40 11.43
C LYS E 23 13.98 16.51 11.12
N ALA E 24 13.11 16.11 12.04
CA ALA E 24 11.68 16.22 11.89
C ALA E 24 11.15 17.61 12.21
N GLY E 25 11.96 18.47 12.84
CA GLY E 25 11.55 19.82 13.14
C GLY E 25 11.04 20.06 14.55
N SER E 26 11.19 19.10 15.44
CA SER E 26 10.74 19.26 16.82
C SER E 26 11.70 20.17 17.58
N LEU E 27 11.15 21.00 18.46
CA LEU E 27 11.94 21.94 19.25
C LEU E 27 12.24 21.40 20.65
N SER E 28 11.24 20.82 21.31
CA SER E 28 11.41 20.31 22.66
C SER E 28 11.11 18.81 22.68
N ALA E 29 11.99 18.04 23.32
CA ALA E 29 11.83 16.60 23.42
C ALA E 29 11.86 16.17 24.88
N ALA E 30 10.98 15.25 25.22
CA ALA E 30 10.93 14.75 26.59
C ALA E 30 12.10 13.82 26.88
N GLY E 31 12.33 13.58 28.18
CA GLY E 31 13.41 12.71 28.59
C GLY E 31 13.16 11.24 28.36
N ASP E 32 11.90 10.83 28.23
CA ASP E 32 11.56 9.44 27.96
C ASP E 32 11.18 9.29 26.48
N THR E 33 11.99 9.89 25.61
CA THR E 33 11.77 9.80 24.17
C THR E 33 12.70 8.78 23.52
N GLU E 34 13.79 8.44 24.19
CA GLU E 34 14.77 7.51 23.63
C GLU E 34 14.19 6.11 23.52
N VAL E 35 13.38 5.69 24.49
CA VAL E 35 12.84 4.33 24.49
C VAL E 35 11.91 4.06 23.30
N PRO E 36 10.94 4.94 22.96
CA PRO E 36 10.16 4.65 21.73
C PRO E 36 10.97 4.78 20.45
N ILE E 37 11.93 5.69 20.38
CA ILE E 37 12.71 5.88 19.15
C ILE E 37 13.64 4.69 18.92
N ARG E 38 14.28 4.20 19.98
CA ARG E 38 15.10 3.00 19.87
C ARG E 38 14.27 1.78 19.52
N GLY E 39 13.01 1.74 19.99
CA GLY E 39 12.14 0.62 19.68
C GLY E 39 11.74 0.57 18.22
N PHE E 40 11.47 1.74 17.63
CA PHE E 40 10.97 1.76 16.25
C PHE E 40 12.05 1.39 15.25
N VAL E 41 13.27 1.88 15.46
CA VAL E 41 14.38 1.51 14.57
C VAL E 41 14.71 0.03 14.70
N HIS E 42 14.71 -0.48 15.93
CA HIS E 42 14.96 -1.90 16.15
C HIS E 42 13.85 -2.76 15.57
N MET E 43 12.62 -2.22 15.50
CA MET E 43 11.55 -2.93 14.83
C MET E 43 11.72 -2.89 13.32
N LYS E 44 12.08 -1.72 12.78
CA LYS E 44 12.20 -1.56 11.33
C LYS E 44 13.40 -2.33 10.80
N LEU E 45 14.49 -2.38 11.58
CA LEU E 45 15.63 -3.19 11.17
C LEU E 45 15.33 -4.68 11.28
N HIS E 46 14.53 -5.07 12.27
CA HIS E 46 14.12 -6.46 12.38
C HIS E 46 13.18 -6.85 11.24
N LYS E 47 12.34 -5.91 10.80
CA LYS E 47 11.47 -6.17 9.67
C LYS E 47 12.26 -6.29 8.37
N LEU E 48 13.24 -5.42 8.17
CA LEU E 48 13.99 -5.40 6.91
C LEU E 48 14.93 -6.60 6.80
N VAL E 49 15.55 -6.99 7.91
CA VAL E 49 16.49 -8.11 7.88
C VAL E 49 15.76 -9.42 7.66
N GLN E 50 14.58 -9.58 8.28
CA GLN E 50 13.82 -10.82 8.18
C GLN E 50 13.36 -11.07 6.74
N LYS E 51 12.93 -10.01 6.04
CA LYS E 51 12.59 -10.16 4.63
C LYS E 51 13.84 -10.41 3.80
N SER E 52 14.96 -9.77 4.15
CA SER E 52 16.18 -9.90 3.36
C SER E 52 16.82 -11.26 3.55
N LEU E 53 16.69 -11.85 4.74
CA LEU E 53 17.28 -13.17 5.00
C LEU E 53 16.63 -14.26 4.15
N LEU E 54 15.31 -14.20 3.98
CA LEU E 54 14.63 -15.25 3.23
C LEU E 54 14.88 -15.12 1.73
N ALA E 55 15.08 -13.89 1.25
CA ALA E 55 15.47 -13.71 -0.14
C ALA E 55 16.88 -14.26 -0.39
N MET E 56 17.78 -14.06 0.58
CA MET E 56 19.13 -14.61 0.46
C MET E 56 19.13 -16.12 0.60
N GLN E 57 18.31 -16.65 1.53
CA GLN E 57 18.28 -18.08 1.78
C GLN E 57 17.70 -18.84 0.59
N LEU E 58 16.72 -18.25 -0.10
CA LEU E 58 16.08 -18.94 -1.21
C LEU E 58 17.00 -18.99 -2.43
N ALA E 59 17.93 -18.05 -2.53
CA ALA E 59 18.90 -18.02 -3.62
C ALA E 59 20.16 -18.81 -3.33
N LYS E 60 20.21 -19.52 -2.20
CA LYS E 60 21.31 -20.38 -1.78
C LYS E 60 22.63 -19.62 -1.64
N ARG E 61 22.55 -18.34 -1.28
CA ARG E 61 23.73 -17.54 -1.00
C ARG E 61 23.94 -17.46 0.51
N LYS E 62 25.01 -16.76 0.90
CA LYS E 62 25.31 -16.55 2.31
C LYS E 62 25.61 -15.10 2.64
N THR E 63 25.47 -14.18 1.68
CA THR E 63 25.74 -12.76 1.90
C THR E 63 24.55 -11.95 1.42
N ILE E 64 24.06 -11.06 2.28
CA ILE E 64 22.94 -10.18 1.93
C ILE E 64 23.48 -9.06 1.05
N MET E 65 23.18 -9.11 -0.25
CA MET E 65 23.66 -8.10 -1.18
C MET E 65 22.55 -7.07 -1.43
N LYS E 66 22.79 -6.19 -2.41
CA LYS E 66 21.84 -5.10 -2.65
C LYS E 66 20.58 -5.59 -3.33
N SER E 67 20.62 -6.74 -4.01
CA SER E 67 19.42 -7.26 -4.66
C SER E 67 18.46 -7.87 -3.64
N ASP E 68 19.00 -8.41 -2.55
CA ASP E 68 18.14 -9.03 -1.54
C ASP E 68 17.35 -7.98 -0.76
N VAL E 69 17.98 -6.86 -0.42
CA VAL E 69 17.28 -5.80 0.29
C VAL E 69 16.29 -5.10 -0.64
N LYS E 70 16.64 -4.99 -1.93
CA LYS E 70 15.73 -4.36 -2.89
C LYS E 70 14.46 -5.17 -3.07
N LYS E 71 14.57 -6.50 -3.08
CA LYS E 71 13.37 -7.34 -3.07
C LYS E 71 12.66 -7.26 -1.74
N ALA E 72 13.41 -7.00 -0.67
CA ALA E 72 12.80 -6.84 0.65
C ALA E 72 12.11 -5.49 0.79
N ALA E 73 12.67 -4.46 0.14
CA ALA E 73 12.12 -3.11 0.30
C ALA E 73 10.77 -2.95 -0.38
N GLU E 74 10.64 -3.43 -1.62
CA GLU E 74 9.39 -3.29 -2.34
C GLU E 74 8.39 -4.40 -2.04
N LEU E 75 8.79 -5.40 -1.24
CA LEU E 75 7.82 -6.39 -0.76
C LEU E 75 6.88 -5.74 0.27
N MET E 76 7.36 -4.71 0.96
CA MET E 76 6.54 -3.94 1.91
C MET E 76 5.83 -2.78 1.25
N HIS E 77 5.78 -2.75 -0.09
CA HIS E 77 5.15 -1.69 -0.88
C HIS E 77 5.75 -0.32 -0.56
N LEU E 78 7.06 -0.28 -0.40
CA LEU E 78 7.79 0.96 -0.13
C LEU E 78 8.76 1.23 -1.27
N PRO E 79 8.46 2.17 -2.17
CA PRO E 79 9.38 2.46 -3.27
C PRO E 79 10.65 3.13 -2.78
N VAL E 80 11.78 2.67 -3.29
CA VAL E 80 13.10 3.16 -2.90
C VAL E 80 13.80 3.65 -4.16
N PHE E 81 14.23 4.91 -4.14
CA PHE E 81 14.98 5.50 -5.25
C PHE E 81 16.44 5.73 -4.93
N ALA E 82 16.88 5.45 -3.71
CA ALA E 82 18.28 5.61 -3.32
C ALA E 82 19.03 4.28 -3.42
N ILE E 83 19.11 3.76 -4.65
CA ILE E 83 19.83 2.51 -4.90
C ILE E 83 21.31 2.81 -5.03
N PRO E 84 22.17 2.21 -4.21
CA PRO E 84 23.60 2.51 -4.29
C PRO E 84 24.28 1.83 -5.47
N THR E 85 25.30 2.48 -5.99
CA THR E 85 26.15 1.96 -7.05
C THR E 85 27.60 1.94 -6.58
N LYS E 86 28.51 1.62 -7.50
CA LYS E 86 29.93 1.60 -7.17
C LYS E 86 30.54 2.98 -7.00
N ASP E 87 29.82 4.05 -7.38
CA ASP E 87 30.30 5.42 -7.26
C ASP E 87 29.65 6.11 -6.06
N SER E 88 28.96 5.35 -5.22
CA SER E 88 28.20 5.94 -4.11
C SER E 88 29.12 6.48 -3.03
N GLY E 89 28.71 7.60 -2.43
CA GLY E 89 29.49 8.23 -1.38
C GLY E 89 30.68 8.99 -1.94
N ALA E 90 30.43 9.97 -2.80
CA ALA E 90 31.51 10.60 -3.55
C ALA E 90 32.05 11.85 -2.86
N LYS E 91 31.23 12.91 -2.80
CA LYS E 91 31.60 14.11 -2.05
C LYS E 91 30.59 14.40 -0.95
N GLY E 92 29.33 14.62 -1.31
CA GLY E 92 28.23 14.64 -0.36
C GLY E 92 27.12 13.80 -0.91
N SER E 93 26.79 12.71 -0.24
CA SER E 93 25.85 11.73 -0.77
C SER E 93 24.74 11.43 0.22
N VAL E 94 23.83 10.58 -0.20
CA VAL E 94 22.73 10.18 0.66
C VAL E 94 23.10 8.95 1.49
N PHE E 95 24.32 8.46 1.36
CA PHE E 95 24.77 7.24 2.02
C PHE E 95 25.85 7.49 3.07
N LEU E 96 26.40 8.70 3.13
CA LEU E 96 27.45 9.01 4.09
C LEU E 96 26.85 9.33 5.46
N SER E 97 27.71 9.37 6.46
CA SER E 97 27.33 9.70 7.82
C SER E 97 27.92 11.04 8.24
N CYS F 1 27.59 11.46 9.45
CA CYS F 1 28.09 12.73 9.97
C CYS F 1 29.58 12.69 10.27
N ARG F 2 30.10 11.53 10.70
CA ARG F 2 31.50 11.42 11.08
C ARG F 2 32.37 10.86 9.98
N GLN F 3 31.81 10.52 8.81
CA GLN F 3 32.59 9.96 7.72
C GLN F 3 33.33 11.05 6.97
N LYS F 4 34.05 10.66 5.94
CA LYS F 4 34.85 11.60 5.14
C LYS F 4 33.93 12.30 4.13
N GLY F 5 34.53 13.04 3.20
CA GLY F 5 33.75 13.76 2.21
C GLY F 5 33.09 15.00 2.78
N ALA F 6 31.76 15.00 2.79
CA ALA F 6 30.99 16.15 3.26
C ALA F 6 29.63 15.66 3.74
N GLY F 7 28.71 16.59 3.92
CA GLY F 7 27.39 16.29 4.42
C GLY F 7 27.06 16.79 5.81
N SER F 8 28.01 17.45 6.48
CA SER F 8 27.81 17.98 7.82
C SER F 8 27.38 19.43 7.74
N ALA F 9 26.46 19.82 8.62
CA ALA F 9 25.92 21.18 8.60
C ALA F 9 26.67 22.08 9.60
N GLY F 10 26.66 21.71 10.87
CA GLY F 10 27.31 22.53 11.88
C GLY F 10 27.66 21.77 13.14
N THR F 11 28.81 22.09 13.72
CA THR F 11 29.30 21.41 14.91
C THR F 11 29.65 22.40 16.01
N GLY F 12 30.17 21.90 17.12
CA GLY F 12 30.65 22.74 18.19
C GLY F 12 29.64 23.10 19.25
N SER F 13 28.94 22.09 19.79
CA SER F 13 27.90 22.23 20.82
C SER F 13 26.82 23.22 20.37
N GLU F 14 26.41 23.06 19.12
CA GLU F 14 25.49 23.99 18.50
C GLU F 14 24.10 23.87 19.11
N THR F 15 23.44 25.01 19.31
CA THR F 15 22.22 25.08 20.10
C THR F 15 21.05 24.39 19.40
N ASN F 16 19.97 24.21 20.16
CA ASN F 16 18.87 23.38 19.70
C ASN F 16 18.03 24.09 18.64
N SER F 17 17.82 25.40 18.82
CA SER F 17 17.08 26.17 17.83
C SER F 17 17.82 26.24 16.51
N GLN F 18 19.14 26.36 16.56
CA GLN F 18 19.95 26.31 15.35
C GLN F 18 20.01 24.91 14.75
N GLU F 19 19.73 23.87 15.55
CA GLU F 19 19.87 22.50 15.07
C GLU F 19 18.80 22.15 14.06
N VAL F 20 17.58 22.68 14.25
CA VAL F 20 16.51 22.45 13.30
C VAL F 20 16.82 23.12 11.96
N ARG F 21 17.40 24.32 12.02
CA ARG F 21 17.76 25.03 10.79
C ARG F 21 18.92 24.34 10.07
N SER F 22 19.86 23.79 10.84
CA SER F 22 21.02 23.14 10.23
C SER F 22 20.68 21.79 9.64
N GLN F 23 19.85 21.00 10.34
CA GLN F 23 19.57 19.63 9.91
C GLN F 23 18.71 19.57 8.65
N MET F 24 18.00 20.64 8.31
CA MET F 24 17.28 20.69 7.05
C MET F 24 18.17 21.06 5.88
N ARG F 25 19.44 21.39 6.14
CA ARG F 25 20.38 21.77 5.09
C ARG F 25 21.36 20.66 4.74
N SER F 26 21.47 19.62 5.57
CA SER F 26 22.38 18.52 5.33
C SER F 26 21.67 17.36 4.62
N THR F 27 22.47 16.46 4.07
CA THR F 27 21.95 15.33 3.30
C THR F 27 22.47 13.97 3.76
N CYS F 28 23.32 13.90 4.77
CA CYS F 28 23.94 12.65 5.18
C CYS F 28 23.11 11.96 6.25
N LEU F 29 23.36 10.67 6.42
CA LEU F 29 22.70 9.90 7.47
C LEU F 29 23.26 10.29 8.84
N ILE F 30 22.46 10.09 9.87
CA ILE F 30 22.78 10.53 11.22
C ILE F 30 22.87 9.37 12.20
N ILE F 31 23.03 8.16 11.72
CA ILE F 31 23.30 6.99 12.55
C ILE F 31 24.68 6.47 12.18
N PRO F 32 25.57 6.22 13.15
CA PRO F 32 26.94 5.77 12.80
C PRO F 32 26.94 4.40 12.12
N LYS F 33 27.90 4.23 11.20
CA LYS F 33 27.94 3.04 10.37
C LYS F 33 28.35 1.80 11.17
N GLU F 34 29.33 1.95 12.06
CA GLU F 34 29.83 0.82 12.82
C GLU F 34 28.78 0.30 13.79
N ARG F 35 28.05 1.21 14.44
CA ARG F 35 26.97 0.79 15.33
C ARG F 35 25.80 0.20 14.56
N PHE F 36 25.58 0.65 13.32
CA PHE F 36 24.51 0.09 12.50
C PHE F 36 24.89 -1.28 11.96
N ARG F 37 26.17 -1.48 11.63
CA ARG F 37 26.61 -2.79 11.17
C ARG F 37 26.57 -3.81 12.30
N THR F 38 26.95 -3.40 13.51
CA THR F 38 26.83 -4.28 14.68
C THR F 38 25.37 -4.60 14.96
N MET F 39 24.48 -3.61 14.80
CA MET F 39 23.05 -3.84 14.97
C MET F 39 22.52 -4.80 13.90
N ALA F 40 22.93 -4.60 12.64
CA ALA F 40 22.35 -5.38 11.55
C ALA F 40 22.78 -6.84 11.61
N LYS F 41 24.02 -7.09 12.04
CA LYS F 41 24.49 -8.46 12.15
C LYS F 41 23.90 -9.14 13.39
N GLU F 42 23.50 -8.36 14.39
CA GLU F 42 22.94 -8.94 15.60
C GLU F 42 21.53 -9.46 15.40
N ILE F 43 20.74 -8.78 14.56
CA ILE F 43 19.40 -9.27 14.24
C ILE F 43 19.48 -10.55 13.42
N SER F 44 20.43 -10.62 12.48
CA SER F 44 20.59 -11.83 11.68
C SER F 44 21.12 -12.99 12.52
N LYS F 45 21.97 -12.71 13.51
CA LYS F 45 22.56 -13.78 14.32
C LYS F 45 21.51 -14.48 15.18
N LYS F 46 20.43 -13.79 15.55
CA LYS F 46 19.37 -14.43 16.32
C LYS F 46 18.61 -15.45 15.49
N GLU F 47 18.58 -15.29 14.17
CA GLU F 47 17.83 -16.18 13.29
C GLU F 47 18.71 -17.07 12.43
N GLY F 48 19.80 -16.54 11.87
CA GLY F 48 20.71 -17.36 11.09
C GLY F 48 22.16 -17.00 11.31
N HIS F 49 22.96 -17.97 11.74
CA HIS F 49 24.35 -17.71 12.09
C HIS F 49 25.22 -17.55 10.84
N ASP F 50 26.30 -16.78 11.00
CA ASP F 50 27.34 -16.58 9.99
C ASP F 50 26.76 -15.99 8.69
N VAL F 51 26.24 -14.78 8.83
CA VAL F 51 25.69 -14.03 7.70
C VAL F 51 26.56 -12.82 7.45
N HIS F 52 27.09 -12.71 6.22
CA HIS F 52 27.85 -11.55 5.81
C HIS F 52 26.91 -10.50 5.22
N ILE F 53 27.22 -9.23 5.48
CA ILE F 53 26.42 -8.11 5.02
C ILE F 53 27.27 -7.29 4.05
N ALA F 54 26.72 -7.05 2.86
CA ALA F 54 27.42 -6.27 1.86
C ALA F 54 27.46 -4.80 2.25
N GLU F 55 28.51 -4.10 1.78
CA GLU F 55 28.65 -2.69 2.08
C GLU F 55 27.58 -1.88 1.35
N ALA F 56 27.20 -2.29 0.14
CA ALA F 56 26.14 -1.60 -0.58
C ALA F 56 24.78 -1.86 0.07
N ALA F 57 24.60 -3.05 0.64
CA ALA F 57 23.34 -3.36 1.30
C ALA F 57 23.21 -2.61 2.62
N LEU F 58 24.34 -2.31 3.27
CA LEU F 58 24.31 -1.59 4.53
C LEU F 58 23.84 -0.14 4.35
N ASP F 59 24.28 0.50 3.26
CA ASP F 59 23.91 1.89 3.02
C ASP F 59 22.42 2.02 2.75
N MET F 60 21.87 1.09 1.96
CA MET F 60 20.47 1.23 1.54
C MET F 60 19.52 0.75 2.64
N LEU F 61 19.99 -0.14 3.52
CA LEU F 61 19.23 -0.47 4.73
C LEU F 61 19.11 0.74 5.65
N GLN F 62 20.18 1.52 5.79
CA GLN F 62 20.16 2.66 6.71
C GLN F 62 19.31 3.80 6.17
N VAL F 63 19.27 3.96 4.85
CA VAL F 63 18.50 5.05 4.24
C VAL F 63 17.01 4.81 4.42
N ILE F 64 16.57 3.54 4.29
CA ILE F 64 15.17 3.20 4.48
C ILE F 64 14.75 3.42 5.93
N VAL F 65 15.65 3.07 6.86
CA VAL F 65 15.31 3.13 8.29
C VAL F 65 15.09 4.57 8.74
N GLU F 66 16.01 5.48 8.40
CA GLU F 66 15.87 6.87 8.83
C GLU F 66 14.68 7.55 8.15
N SER F 67 14.44 7.22 6.88
CA SER F 67 13.33 7.84 6.17
C SER F 67 11.98 7.41 6.74
N CYS F 68 11.92 6.19 7.28
CA CYS F 68 10.71 5.76 7.98
C CYS F 68 10.67 6.34 9.39
N THR F 69 11.84 6.51 10.02
CA THR F 69 11.88 7.02 11.38
C THR F 69 11.57 8.51 11.43
N VAL F 70 12.11 9.28 10.49
CA VAL F 70 11.84 10.72 10.43
C VAL F 70 10.37 10.95 10.07
N ARG F 71 9.82 10.11 9.18
CA ARG F 71 8.41 10.24 8.81
C ARG F 71 7.49 9.98 9.99
N LEU F 72 7.87 9.05 10.87
CA LEU F 72 7.10 8.82 12.08
C LEU F 72 7.20 10.01 13.03
N LEU F 73 8.39 10.60 13.16
CA LEU F 73 8.58 11.70 14.09
C LEU F 73 7.93 12.98 13.59
N GLU F 74 7.83 13.16 12.26
CA GLU F 74 7.07 14.27 11.72
C GLU F 74 5.58 14.12 12.02
N LYS F 75 5.07 12.89 11.95
CA LYS F 75 3.67 12.64 12.30
C LYS F 75 3.45 12.79 13.80
N ALA F 76 4.47 12.50 14.62
CA ALA F 76 4.35 12.67 16.05
C ALA F 76 4.34 14.15 16.44
N LEU F 77 5.00 14.99 15.64
CA LEU F 77 5.02 16.42 15.93
C LEU F 77 3.67 17.06 15.66
N VAL F 78 2.92 16.52 14.70
CA VAL F 78 1.60 17.07 14.34
C VAL F 78 0.62 16.88 15.49
N ILE F 79 0.62 15.70 16.10
CA ILE F 79 -0.27 15.41 17.23
C ILE F 79 0.10 16.28 18.44
N THR F 80 1.41 16.51 18.63
CA THR F 80 1.86 17.38 19.71
C THR F 80 1.36 18.81 19.53
N TYR F 81 1.45 19.33 18.30
CA TYR F 81 0.91 20.67 18.04
C TYR F 81 -0.62 20.67 18.02
N SER F 82 -1.23 19.52 17.76
CA SER F 82 -2.69 19.45 17.81
C SER F 82 -3.23 19.52 19.22
N GLY F 83 -2.40 19.17 20.21
CA GLY F 83 -2.80 19.25 21.60
C GLY F 83 -2.37 20.54 22.26
N LYS F 84 -2.04 21.55 21.43
CA LYS F 84 -1.55 22.86 21.88
C LYS F 84 -0.32 22.73 22.78
N ARG F 85 0.61 21.86 22.39
CA ARG F 85 1.84 21.65 23.12
C ARG F 85 3.02 21.74 22.15
N THR F 86 4.18 22.13 22.69
CA THR F 86 5.38 22.30 21.89
C THR F 86 6.45 21.26 22.18
N ARG F 87 6.22 20.37 23.16
CA ARG F 87 7.21 19.38 23.56
C ARG F 87 6.72 18.01 23.18
N VAL F 88 7.50 17.29 22.37
CA VAL F 88 7.13 15.93 21.97
C VAL F 88 7.37 14.99 23.14
N THR F 89 6.31 14.29 23.54
CA THR F 89 6.36 13.39 24.68
C THR F 89 6.36 11.94 24.19
N SER F 90 6.42 11.01 25.14
CA SER F 90 6.43 9.59 24.80
C SER F 90 5.07 9.14 24.27
N LYS F 91 3.98 9.73 24.77
CA LYS F 91 2.65 9.31 24.36
C LYS F 91 2.33 9.78 22.95
N ASP F 92 2.95 10.87 22.51
CA ASP F 92 2.67 11.39 21.18
C ASP F 92 3.23 10.48 20.09
N ILE F 93 4.42 9.91 20.32
CA ILE F 93 4.99 8.99 19.35
C ILE F 93 4.20 7.68 19.32
N GLU F 94 3.78 7.20 20.50
CA GLU F 94 2.97 5.99 20.57
C GLU F 94 1.62 6.18 19.88
N THR F 95 1.02 7.36 20.03
CA THR F 95 -0.23 7.67 19.34
C THR F 95 -0.02 7.75 17.83
N ALA F 96 1.11 8.35 17.41
CA ALA F 96 1.39 8.48 15.98
C ALA F 96 1.60 7.14 15.31
N PHE F 97 2.28 6.21 16.00
CA PHE F 97 2.45 4.86 15.46
C PHE F 97 1.14 4.09 15.45
N MET F 98 0.31 4.29 16.48
CA MET F 98 -0.95 3.58 16.58
C MET F 98 -1.94 4.02 15.50
N LEU F 99 -1.84 5.26 15.03
CA LEU F 99 -2.78 5.79 14.06
C LEU F 99 -2.63 5.19 12.67
N GLU F 100 -1.51 4.55 12.37
CA GLU F 100 -1.32 3.92 11.07
C GLU F 100 -1.24 2.40 11.12
N HIS F 101 -0.91 1.80 12.26
CA HIS F 101 -0.84 0.34 12.41
C HIS F 101 -1.62 -0.03 13.66
N GLY F 102 -2.93 -0.25 13.52
CA GLY F 102 -3.77 -0.61 14.63
C GLY F 102 -5.22 -0.23 14.46
N ASN G 16 -13.40 -19.89 -6.58
CA ASN G 16 -13.93 -19.78 -5.22
C ASN G 16 -13.70 -21.04 -4.40
N PHE G 17 -13.77 -20.90 -3.08
CA PHE G 17 -13.56 -22.01 -2.15
C PHE G 17 -14.75 -22.26 -1.25
N ARG G 18 -15.97 -22.27 -1.81
CA ARG G 18 -17.17 -22.37 -0.99
C ARG G 18 -17.30 -23.77 -0.37
N LEU G 19 -17.12 -24.81 -1.18
CA LEU G 19 -17.34 -26.17 -0.68
C LEU G 19 -16.20 -26.60 0.23
N GLY G 20 -14.98 -26.18 -0.06
CA GLY G 20 -13.84 -26.55 0.78
C GLY G 20 -13.92 -25.93 2.17
N LEU G 21 -14.35 -24.69 2.25
CA LEU G 21 -14.43 -24.02 3.55
C LEU G 21 -15.62 -24.51 4.36
N ARG G 22 -16.69 -24.95 3.70
CA ARG G 22 -17.83 -25.51 4.41
C ARG G 22 -17.48 -26.86 5.02
N ASN G 23 -16.67 -27.66 4.32
CA ASN G 23 -16.30 -28.97 4.84
C ASN G 23 -15.35 -28.85 6.03
N MET G 24 -14.56 -27.78 6.07
CA MET G 24 -13.70 -27.55 7.22
C MET G 24 -14.50 -27.25 8.47
N LEU G 25 -15.59 -26.50 8.33
CA LEU G 25 -16.41 -26.14 9.49
C LEU G 25 -17.09 -27.37 10.09
N ALA G 26 -17.42 -28.35 9.25
CA ALA G 26 -18.00 -29.59 9.75
C ALA G 26 -16.98 -30.40 10.54
N GLN G 27 -15.70 -30.34 10.14
CA GLN G 27 -14.67 -31.09 10.85
C GLN G 27 -14.35 -30.45 12.20
N ILE G 28 -14.34 -29.11 12.26
CA ILE G 28 -13.97 -28.43 13.50
C ILE G 28 -15.16 -28.37 14.45
N HIS G 29 -16.25 -27.73 14.03
CA HIS G 29 -17.45 -27.60 14.85
C HIS G 29 -18.61 -28.32 14.19
N PRO G 30 -18.91 -29.55 14.60
CA PRO G 30 -19.95 -30.34 13.89
C PRO G 30 -21.36 -29.77 14.03
N ASP G 31 -21.62 -28.93 15.02
CA ASP G 31 -22.97 -28.43 15.28
C ASP G 31 -23.11 -26.95 14.94
N ILE G 32 -22.24 -26.43 14.08
CA ILE G 32 -22.24 -25.02 13.72
C ILE G 32 -22.37 -24.89 12.20
N SER G 33 -23.35 -24.13 11.74
CA SER G 33 -23.53 -23.84 10.33
C SER G 33 -22.95 -22.45 10.02
N VAL G 34 -23.12 -22.03 8.77
CA VAL G 34 -22.55 -20.77 8.29
C VAL G 34 -23.56 -20.08 7.40
N GLN G 35 -23.67 -18.75 7.56
CA GLN G 35 -24.47 -17.93 6.65
C GLN G 35 -23.92 -18.00 5.23
N THR G 36 -24.82 -17.92 4.25
CA THR G 36 -24.40 -17.93 2.86
C THR G 36 -23.59 -16.68 2.53
N GLU G 37 -23.97 -15.54 3.10
CA GLU G 37 -23.19 -14.32 2.93
C GLU G 37 -21.84 -14.41 3.63
N ALA G 38 -21.80 -15.10 4.77
CA ALA G 38 -20.55 -15.29 5.49
C ALA G 38 -19.62 -16.24 4.73
N LEU G 39 -20.20 -17.20 4.01
CA LEU G 39 -19.38 -18.13 3.23
C LEU G 39 -18.73 -17.43 2.05
N SER G 40 -19.41 -16.47 1.44
CA SER G 40 -18.83 -15.73 0.32
C SER G 40 -17.70 -14.83 0.78
N GLU G 41 -17.83 -14.25 1.97
CA GLU G 41 -16.74 -13.42 2.51
C GLU G 41 -15.53 -14.26 2.87
N LEU G 42 -15.76 -15.46 3.42
CA LEU G 42 -14.64 -16.34 3.76
C LEU G 42 -13.95 -16.85 2.50
N SER G 43 -14.71 -17.06 1.42
CA SER G 43 -14.09 -17.46 0.15
C SER G 43 -13.25 -16.34 -0.42
N ASN G 44 -13.69 -15.08 -0.27
CA ASN G 44 -12.92 -13.96 -0.79
C ASN G 44 -11.68 -13.70 0.06
N ILE G 45 -11.70 -14.13 1.31
CA ILE G 45 -10.47 -14.12 2.11
C ILE G 45 -9.47 -15.12 1.54
N ALA G 46 -9.97 -16.29 1.13
CA ALA G 46 -9.09 -17.35 0.62
C ALA G 46 -8.45 -16.95 -0.71
N VAL G 47 -9.21 -16.28 -1.57
CA VAL G 47 -8.65 -15.82 -2.84
C VAL G 47 -7.60 -14.74 -2.60
N PHE G 48 -7.89 -13.79 -1.71
CA PHE G 48 -6.95 -12.71 -1.45
C PHE G 48 -5.77 -13.16 -0.62
N LEU G 49 -5.93 -14.22 0.19
CA LEU G 49 -4.76 -14.81 0.84
C LEU G 49 -3.89 -15.55 -0.17
N GLY G 50 -4.52 -16.16 -1.17
CA GLY G 50 -3.75 -16.79 -2.23
C GLY G 50 -3.01 -15.78 -3.09
N LYS G 51 -3.61 -14.60 -3.30
CA LYS G 51 -2.97 -13.57 -4.12
C LYS G 51 -1.75 -12.97 -3.42
N LYS G 52 -1.85 -12.76 -2.10
CA LYS G 52 -0.75 -12.13 -1.38
C LYS G 52 0.45 -13.06 -1.23
N ILE G 53 0.19 -14.35 -1.02
CA ILE G 53 1.28 -15.31 -0.89
C ILE G 53 1.95 -15.53 -2.24
N SER G 54 1.15 -15.65 -3.31
CA SER G 54 1.71 -15.87 -4.65
C SER G 54 2.50 -14.67 -5.13
N HIS G 55 2.02 -13.46 -4.86
CA HIS G 55 2.77 -12.26 -5.21
C HIS G 55 4.02 -12.13 -4.35
N GLY G 56 3.95 -12.57 -3.10
CA GLY G 56 5.15 -12.61 -2.27
C GLY G 56 6.16 -13.62 -2.76
N ALA G 57 5.68 -14.76 -3.30
CA ALA G 57 6.59 -15.79 -3.79
C ALA G 57 7.27 -15.36 -5.08
N VAL G 58 6.56 -14.59 -5.93
CA VAL G 58 7.15 -14.09 -7.17
C VAL G 58 8.24 -13.05 -6.85
N THR G 59 7.98 -12.20 -5.86
CA THR G 59 8.94 -11.18 -5.46
C THR G 59 10.22 -11.80 -4.91
N LEU G 60 10.09 -12.82 -4.06
CA LEU G 60 11.25 -13.41 -3.39
C LEU G 60 12.11 -14.27 -4.32
N LEU G 61 11.62 -14.58 -5.51
CA LEU G 61 12.41 -15.37 -6.45
C LEU G 61 13.59 -14.55 -6.98
N PRO G 62 14.73 -15.17 -7.24
CA PRO G 62 15.82 -14.46 -7.91
C PRO G 62 15.48 -14.18 -9.37
N GLU G 63 16.26 -13.27 -9.97
CA GLU G 63 16.02 -12.91 -11.36
C GLU G 63 16.38 -14.06 -12.30
N GLY G 64 17.36 -14.89 -11.91
CA GLY G 64 17.76 -16.00 -12.75
C GLY G 64 16.69 -17.08 -12.86
N THR G 65 16.07 -17.44 -11.75
CA THR G 65 15.07 -18.49 -11.75
C THR G 65 13.74 -17.97 -12.28
N LYS G 66 12.96 -18.88 -12.88
CA LYS G 66 11.68 -18.53 -13.47
C LYS G 66 10.50 -19.34 -12.96
N THR G 67 10.72 -20.43 -12.25
CA THR G 67 9.64 -21.26 -11.73
C THR G 67 9.52 -21.12 -10.22
N ILE G 68 8.35 -21.47 -9.70
CA ILE G 68 8.06 -21.39 -8.27
C ILE G 68 8.02 -22.82 -7.74
N LYS G 69 8.94 -23.14 -6.83
CA LYS G 69 8.97 -24.43 -6.18
C LYS G 69 8.23 -24.35 -4.85
N SER G 70 8.28 -25.45 -4.09
CA SER G 70 7.65 -25.46 -2.77
C SER G 70 8.38 -24.58 -1.78
N SER G 71 9.69 -24.41 -1.96
CA SER G 71 10.47 -23.59 -1.03
C SER G 71 10.13 -22.11 -1.19
N ALA G 72 9.66 -21.71 -2.36
CA ALA G 72 9.27 -20.31 -2.56
C ALA G 72 8.00 -19.97 -1.80
N VAL G 73 7.03 -20.88 -1.80
CA VAL G 73 5.78 -20.64 -1.08
C VAL G 73 6.00 -20.75 0.43
N LEU G 74 6.92 -21.62 0.86
CA LEU G 74 7.21 -21.78 2.28
C LEU G 74 7.80 -20.50 2.88
N LEU G 75 8.73 -19.88 2.16
CA LEU G 75 9.36 -18.67 2.68
C LEU G 75 8.44 -17.46 2.53
N ALA G 76 7.54 -17.48 1.54
CA ALA G 76 6.59 -16.40 1.37
C ALA G 76 5.57 -16.39 2.49
N ALA G 77 5.18 -17.57 2.98
CA ALA G 77 4.23 -17.64 4.09
C ALA G 77 4.89 -17.18 5.39
N GLY G 78 6.20 -17.39 5.52
CA GLY G 78 6.88 -16.93 6.72
C GLY G 78 6.97 -15.42 6.82
N ASP G 79 7.09 -14.74 5.67
CA ASP G 79 7.20 -13.29 5.68
C ASP G 79 5.86 -12.62 5.98
N LEU G 80 4.78 -13.12 5.38
CA LEU G 80 3.48 -12.49 5.54
C LEU G 80 2.91 -12.75 6.92
N TYR G 81 3.22 -13.90 7.51
CA TYR G 81 2.64 -14.34 8.78
C TYR G 81 3.69 -14.18 9.87
N GLY G 82 3.36 -13.38 10.89
CA GLY G 82 4.35 -12.99 11.86
C GLY G 82 4.38 -13.87 13.11
N LYS G 83 5.60 -14.03 13.65
CA LYS G 83 5.88 -14.69 14.91
C LYS G 83 5.34 -16.11 14.99
N ASP G 84 4.37 -16.33 15.89
CA ASP G 84 3.91 -17.69 16.18
C ASP G 84 3.15 -18.30 15.02
N LEU G 85 2.43 -17.48 14.24
CA LEU G 85 1.71 -18.01 13.10
C LEU G 85 2.66 -18.45 11.99
N GLY G 86 3.75 -17.71 11.80
CA GLY G 86 4.70 -18.06 10.75
C GLY G 86 5.42 -19.36 11.01
N ARG G 87 5.79 -19.61 12.27
CA ARG G 87 6.50 -20.83 12.62
C ARG G 87 5.59 -22.05 12.49
N HIS G 88 4.32 -21.90 12.89
CA HIS G 88 3.38 -23.01 12.76
C HIS G 88 2.96 -23.21 11.31
N ALA G 89 3.09 -22.18 10.48
CA ALA G 89 2.76 -22.31 9.06
C ALA G 89 3.73 -23.27 8.36
N VAL G 90 5.03 -23.12 8.63
CA VAL G 90 6.04 -23.92 7.95
C VAL G 90 5.91 -25.39 8.34
N GLY G 91 5.55 -25.66 9.60
CA GLY G 91 5.37 -27.03 10.04
C GLY G 91 4.21 -27.72 9.36
N GLU G 92 3.10 -27.00 9.14
CA GLU G 92 1.95 -27.58 8.48
C GLU G 92 2.18 -27.74 6.98
N MET G 93 2.82 -26.74 6.36
CA MET G 93 3.08 -26.81 4.92
C MET G 93 4.07 -27.92 4.58
N THR G 94 5.12 -28.08 5.39
CA THR G 94 6.11 -29.13 5.13
C THR G 94 5.50 -30.51 5.31
N LYS G 95 4.64 -30.68 6.33
CA LYS G 95 4.01 -31.97 6.57
C LYS G 95 3.04 -32.32 5.45
N ALA G 96 2.43 -31.31 4.82
CA ALA G 96 1.53 -31.57 3.70
C ALA G 96 2.30 -31.97 2.46
N VAL G 97 3.47 -31.37 2.24
CA VAL G 97 4.28 -31.69 1.06
C VAL G 97 4.87 -33.10 1.19
N THR G 98 5.37 -33.44 2.38
CA THR G 98 5.98 -34.76 2.57
C THR G 98 4.95 -35.87 2.49
N ARG G 99 3.71 -35.59 2.93
CA ARG G 99 2.64 -36.56 2.75
C ARG G 99 2.28 -36.72 1.27
N TYR G 100 2.29 -35.62 0.52
CA TYR G 100 2.01 -35.70 -0.90
C TYR G 100 3.18 -36.34 -1.65
N GLY G 101 4.40 -36.14 -1.17
CA GLY G 101 5.56 -36.71 -1.84
C GLY G 101 5.72 -38.20 -1.66
N SER G 102 5.00 -38.81 -0.73
CA SER G 102 5.04 -40.25 -0.53
C SER G 102 3.83 -40.97 -1.10
N ALA G 103 2.76 -40.25 -1.42
CA ALA G 103 1.55 -40.83 -1.99
C ALA G 103 1.30 -40.35 -3.41
N LYS G 104 2.36 -40.14 -4.18
CA LYS G 104 2.20 -39.73 -5.57
C LYS G 104 1.57 -40.84 -6.41
N GLU H 1 2.01 -42.08 -6.22
CA GLU H 1 1.43 -43.22 -6.92
C GLU H 1 0.23 -43.70 -6.08
N SER H 2 -0.87 -42.98 -6.25
CA SER H 2 -2.14 -43.30 -5.58
C SER H 2 -3.25 -42.66 -6.41
N LYS H 3 -3.94 -43.48 -7.19
CA LYS H 3 -4.95 -42.99 -8.13
C LYS H 3 -6.34 -42.95 -7.53
N GLU H 4 -6.49 -43.28 -6.24
CA GLU H 4 -7.80 -43.32 -5.58
C GLU H 4 -8.03 -42.00 -4.85
N GLY H 5 -8.35 -40.97 -5.63
CA GLY H 5 -8.67 -39.66 -5.12
C GLY H 5 -8.06 -38.56 -5.95
N SER H 6 -8.27 -37.33 -5.49
CA SER H 6 -7.77 -36.14 -6.15
C SER H 6 -6.48 -35.66 -5.48
N ARG H 7 -6.01 -34.48 -5.92
CA ARG H 7 -4.81 -33.90 -5.35
C ARG H 7 -5.03 -33.49 -3.89
N SER H 8 -6.22 -32.99 -3.58
CA SER H 8 -6.54 -32.62 -2.21
C SER H 8 -6.66 -33.86 -1.32
N SER H 9 -7.20 -34.95 -1.87
CA SER H 9 -7.34 -36.17 -1.09
C SER H 9 -6.00 -36.86 -0.88
N LYS H 10 -5.08 -36.72 -1.84
CA LYS H 10 -3.75 -37.30 -1.68
C LYS H 10 -2.97 -36.58 -0.58
N ALA H 11 -3.10 -35.26 -0.49
CA ALA H 11 -2.42 -34.48 0.53
C ALA H 11 -3.24 -34.35 1.81
N LYS H 12 -4.43 -34.96 1.87
CA LYS H 12 -5.34 -34.90 3.01
C LYS H 12 -5.70 -33.46 3.38
N LEU H 13 -5.96 -32.65 2.36
CA LEU H 13 -6.32 -31.25 2.54
C LEU H 13 -7.75 -31.02 2.09
N GLN H 14 -8.47 -30.16 2.83
CA GLN H 14 -9.83 -29.84 2.45
C GLN H 14 -9.88 -28.74 1.39
N ILE H 15 -8.86 -27.88 1.35
CA ILE H 15 -8.76 -26.89 0.28
C ILE H 15 -8.28 -27.59 -0.99
N SER H 16 -9.00 -27.36 -2.08
CA SER H 16 -8.68 -28.02 -3.34
C SER H 16 -7.35 -27.50 -3.89
N VAL H 17 -6.45 -28.43 -4.20
CA VAL H 17 -5.14 -28.06 -4.74
C VAL H 17 -5.28 -27.50 -6.15
N ALA H 18 -6.23 -28.03 -6.93
CA ALA H 18 -6.38 -27.60 -8.31
C ALA H 18 -6.82 -26.14 -8.41
N ARG H 19 -7.71 -25.71 -7.51
CA ARG H 19 -8.13 -24.32 -7.54
C ARG H 19 -7.03 -23.39 -7.01
N SER H 20 -6.22 -23.87 -6.07
CA SER H 20 -5.11 -23.05 -5.57
C SER H 20 -4.01 -22.94 -6.60
N GLU H 21 -3.81 -23.99 -7.41
CA GLU H 21 -2.84 -23.92 -8.49
C GLU H 21 -3.30 -22.96 -9.58
N ARG H 22 -4.61 -22.89 -9.82
CA ARG H 22 -5.15 -21.98 -10.81
C ARG H 22 -4.94 -20.53 -10.40
N LEU H 23 -5.06 -20.24 -9.10
CA LEU H 23 -4.76 -18.90 -8.61
C LEU H 23 -3.28 -18.57 -8.77
N LEU H 24 -2.41 -19.54 -8.50
CA LEU H 24 -0.97 -19.30 -8.57
C LEU H 24 -0.49 -19.17 -10.02
N ARG H 25 -0.94 -20.08 -10.88
CA ARG H 25 -0.43 -20.11 -12.25
C ARG H 25 -1.00 -18.96 -13.08
N GLU H 26 -2.30 -18.71 -12.96
CA GLU H 26 -2.95 -17.68 -13.78
C GLU H 26 -2.93 -16.31 -13.10
N HIS H 27 -2.00 -16.06 -12.19
CA HIS H 27 -1.85 -14.74 -11.59
C HIS H 27 -1.02 -13.81 -12.46
N GLY H 28 -0.45 -14.30 -13.55
CA GLY H 28 0.47 -13.51 -14.35
C GLY H 28 1.77 -13.19 -13.66
N GLY H 29 2.30 -14.13 -12.89
CA GLY H 29 3.55 -13.91 -12.19
C GLY H 29 4.74 -14.60 -12.82
N CYS H 30 4.56 -15.85 -13.25
CA CYS H 30 5.65 -16.63 -13.80
C CYS H 30 5.11 -17.61 -14.83
N SER H 31 6.00 -18.08 -15.70
CA SER H 31 5.61 -18.99 -16.76
C SER H 31 5.36 -20.40 -16.24
N ARG H 32 6.20 -20.89 -15.33
CA ARG H 32 6.17 -22.28 -14.90
C ARG H 32 5.87 -22.37 -13.41
N VAL H 33 4.97 -23.28 -13.05
CA VAL H 33 4.58 -23.53 -11.67
C VAL H 33 4.77 -25.01 -11.39
N SER H 34 5.52 -25.33 -10.34
CA SER H 34 5.81 -26.72 -10.02
C SER H 34 4.63 -27.36 -9.29
N GLU H 35 4.71 -28.68 -9.12
CA GLU H 35 3.65 -29.42 -8.45
C GLU H 35 3.67 -29.17 -6.94
N GLY H 36 4.86 -29.04 -6.36
CA GLY H 36 4.97 -28.84 -4.92
C GLY H 36 4.52 -27.47 -4.45
N ALA H 37 4.55 -26.47 -5.33
CA ALA H 37 4.07 -25.14 -4.96
C ALA H 37 2.56 -25.11 -4.87
N ALA H 38 1.88 -25.95 -5.65
CA ALA H 38 0.43 -25.99 -5.61
C ALA H 38 -0.07 -26.61 -4.31
N VAL H 39 0.59 -27.67 -3.83
CA VAL H 39 0.18 -28.31 -2.59
C VAL H 39 0.50 -27.41 -1.40
N ALA H 40 1.65 -26.73 -1.45
CA ALA H 40 2.06 -25.87 -0.34
C ALA H 40 1.14 -24.67 -0.19
N LEU H 41 0.70 -24.08 -1.31
CA LEU H 41 -0.18 -22.92 -1.25
C LEU H 41 -1.55 -23.29 -0.70
N ALA H 42 -2.03 -24.49 -1.03
CA ALA H 42 -3.33 -24.94 -0.52
C ALA H 42 -3.26 -25.20 0.98
N ALA H 43 -2.13 -25.69 1.48
CA ALA H 43 -2.00 -25.96 2.91
C ALA H 43 -1.91 -24.68 3.72
N ALA H 44 -1.28 -23.64 3.15
CA ALA H 44 -1.16 -22.37 3.85
C ALA H 44 -2.51 -21.69 4.01
N ILE H 45 -3.36 -21.78 2.97
CA ILE H 45 -4.71 -21.23 3.06
C ILE H 45 -5.55 -22.08 4.03
N GLU H 46 -5.35 -23.39 4.02
CA GLU H 46 -6.18 -24.28 4.82
C GLU H 46 -5.94 -24.12 6.32
N TYR H 47 -4.69 -23.93 6.72
CA TYR H 47 -4.38 -23.89 8.15
C TYR H 47 -4.95 -22.64 8.80
N PHE H 48 -4.88 -21.50 8.11
CA PHE H 48 -5.22 -20.24 8.74
C PHE H 48 -6.70 -19.91 8.59
N MET H 49 -7.39 -20.53 7.64
CA MET H 49 -8.84 -20.44 7.65
C MET H 49 -9.45 -21.41 8.65
N GLY H 50 -8.71 -22.45 9.03
CA GLY H 50 -9.08 -23.22 10.20
C GLY H 50 -8.94 -22.42 11.47
N GLU H 51 -7.99 -21.48 11.50
CA GLU H 51 -7.83 -20.59 12.64
C GLU H 51 -8.99 -19.60 12.72
N VAL H 52 -9.43 -19.08 11.57
CA VAL H 52 -10.53 -18.13 11.55
C VAL H 52 -11.84 -18.83 11.90
N LEU H 53 -12.06 -20.03 11.35
CA LEU H 53 -13.29 -20.76 11.61
C LEU H 53 -13.38 -21.23 13.06
N GLU H 54 -12.22 -21.49 13.68
CA GLU H 54 -12.22 -21.88 15.08
C GLU H 54 -12.57 -20.70 15.98
N LEU H 55 -12.09 -19.51 15.65
CA LEU H 55 -12.40 -18.34 16.46
C LEU H 55 -13.81 -17.84 16.20
N ALA H 56 -14.28 -17.95 14.95
CA ALA H 56 -15.64 -17.52 14.63
C ALA H 56 -16.68 -18.47 15.25
N GLY H 57 -16.38 -19.77 15.27
CA GLY H 57 -17.31 -20.71 15.88
C GLY H 57 -17.43 -20.52 17.39
N ASN H 58 -16.30 -20.22 18.05
CA ASN H 58 -16.33 -19.95 19.48
C ASN H 58 -17.06 -18.64 19.77
N ALA H 59 -16.89 -17.64 18.90
CA ALA H 59 -17.60 -16.38 19.06
C ALA H 59 -19.10 -16.56 18.83
N ALA H 60 -19.47 -17.39 17.86
CA ALA H 60 -20.89 -17.65 17.60
C ALA H 60 -21.51 -18.47 18.71
N ARG H 61 -20.77 -19.43 19.27
CA ARG H 61 -21.29 -20.24 20.36
C ARG H 61 -21.46 -19.43 21.63
N ASP H 62 -20.56 -18.46 21.87
CA ASP H 62 -20.69 -17.59 23.03
C ASP H 62 -21.87 -16.63 22.91
N SER H 63 -22.35 -16.37 21.70
CA SER H 63 -23.50 -15.51 21.46
C SER H 63 -24.80 -16.28 21.39
N LYS H 64 -24.78 -17.58 21.73
CA LYS H 64 -25.95 -18.47 21.74
C LYS H 64 -26.61 -18.55 20.36
N LYS H 65 -25.78 -18.55 19.32
CA LYS H 65 -26.25 -18.70 17.94
C LYS H 65 -25.53 -19.88 17.29
N VAL H 66 -26.26 -20.64 16.49
CA VAL H 66 -25.70 -21.83 15.85
C VAL H 66 -25.25 -21.56 14.41
N ARG H 67 -25.37 -20.33 13.94
CA ARG H 67 -25.00 -19.99 12.57
C ARG H 67 -23.97 -18.87 12.61
N ILE H 68 -22.84 -19.07 11.93
CA ILE H 68 -21.80 -18.06 11.87
C ILE H 68 -22.21 -16.98 10.87
N SER H 69 -22.23 -15.74 11.33
CA SER H 69 -22.65 -14.60 10.53
C SER H 69 -21.44 -13.72 10.22
N VAL H 70 -21.70 -12.59 9.58
CA VAL H 70 -20.63 -11.66 9.20
C VAL H 70 -20.04 -11.00 10.44
N LYS H 71 -20.89 -10.63 11.40
CA LYS H 71 -20.42 -9.96 12.61
C LYS H 71 -19.56 -10.90 13.46
N HIS H 72 -19.90 -12.19 13.48
CA HIS H 72 -19.10 -13.15 14.24
C HIS H 72 -17.73 -13.34 13.60
N ILE H 73 -17.66 -13.33 12.27
CA ILE H 73 -16.37 -13.38 11.59
C ILE H 73 -15.57 -12.11 11.87
N THR H 74 -16.25 -10.96 11.85
CA THR H 74 -15.57 -9.70 12.14
C THR H 74 -15.07 -9.65 13.57
N LEU H 75 -15.90 -10.09 14.53
CA LEU H 75 -15.53 -9.97 15.94
C LEU H 75 -14.39 -10.93 16.31
N ALA H 76 -14.22 -12.00 15.52
CA ALA H 76 -13.14 -12.94 15.79
C ALA H 76 -11.78 -12.37 15.36
N ILE H 77 -11.79 -11.40 14.43
CA ILE H 77 -10.54 -10.91 13.87
C ILE H 77 -9.82 -9.99 14.85
N GLN H 78 -10.50 -8.98 15.40
CA GLN H 78 -9.81 -8.10 16.33
C GLN H 78 -9.59 -8.73 17.70
N ASN H 79 -10.19 -9.88 17.97
CA ASN H 79 -9.90 -10.60 19.21
C ASN H 79 -8.58 -11.37 19.15
N ASP H 80 -7.97 -11.48 17.98
CA ASP H 80 -6.66 -12.07 17.80
C ASP H 80 -5.72 -11.03 17.21
N ALA H 81 -4.67 -10.69 17.94
CA ALA H 81 -3.74 -9.65 17.47
C ALA H 81 -2.93 -10.14 16.28
N ALA H 82 -2.63 -11.43 16.23
CA ALA H 82 -1.82 -11.95 15.14
C ALA H 82 -2.62 -12.09 13.84
N LEU H 83 -3.91 -12.42 13.96
CA LEU H 83 -4.74 -12.57 12.76
C LEU H 83 -5.11 -11.23 12.17
N PHE H 84 -5.20 -10.19 13.02
CA PHE H 84 -5.68 -8.89 12.55
C PHE H 84 -4.67 -8.19 11.66
N ALA H 85 -3.37 -8.49 11.86
CA ALA H 85 -2.34 -7.80 11.09
C ALA H 85 -2.35 -8.22 9.62
N VAL H 86 -2.80 -9.44 9.34
CA VAL H 86 -2.83 -9.91 7.96
C VAL H 86 -3.92 -9.20 7.17
N VAL H 87 -5.11 -9.05 7.75
CA VAL H 87 -6.26 -8.54 7.02
C VAL H 87 -6.77 -7.24 7.64
N GLY H 88 -5.86 -6.44 8.21
CA GLY H 88 -6.25 -5.18 8.80
C GLY H 88 -6.61 -4.11 7.80
N LYS H 89 -6.05 -4.18 6.59
CA LYS H 89 -6.36 -3.23 5.52
C LYS H 89 -7.57 -3.64 4.71
N GLY H 90 -8.20 -4.76 5.06
CA GLY H 90 -9.33 -5.26 4.30
C GLY H 90 -10.64 -4.64 4.76
N VAL H 91 -11.59 -4.55 3.83
CA VAL H 91 -12.92 -4.02 4.10
C VAL H 91 -13.78 -5.16 4.63
N PHE H 92 -14.06 -5.16 5.93
CA PHE H 92 -14.88 -6.19 6.56
C PHE H 92 -16.35 -5.76 6.57
N SER H 93 -16.82 -5.38 5.38
CA SER H 93 -18.24 -5.20 5.07
C SER H 93 -18.90 -4.13 5.96
N GLY H 94 -18.40 -2.90 5.82
CA GLY H 94 -18.95 -1.78 6.56
C GLY H 94 -18.56 -1.78 8.03
#